data_6QSP
#
_entry.id   6QSP
#
_cell.length_a   56.950
_cell.length_b   88.890
_cell.length_c   63.000
_cell.angle_alpha   90.00
_cell.angle_beta   108.13
_cell.angle_gamma   90.00
#
_symmetry.space_group_name_H-M   'P 1 21 1'
#
loop_
_entity.id
_entity.type
_entity.pdbx_description
1 polymer 'Beta-ketoacyl synthase'
2 polymer 'Uncharacterized protein'
3 non-polymer GLYCEROL
4 non-polymer 'PHOSPHATE ION'
5 water water
#
loop_
_entity_poly.entity_id
_entity_poly.type
_entity_poly.pdbx_seq_one_letter_code
_entity_poly.pdbx_strand_id
1 'polypeptide(L)'
;MWSHPQFEKENLYFQGIYISAVGMLNALGDNVDDIAQNLVLGQAPGMYERSGWLQPGKTCCLGGVDAELPAMPDMLSEHN
SRNNRLLLAALMQIKPQVDEAIARHGRERIAVIMGTSTSGLDEGDQHVSRTVYQQSHGSYHDYHYYQQELGDPSRFLARY
LAIEGPAFTLSTACSSSSRAIISGQRLIEMGLVDAAIVGGADTLSRMPINGFDSLESLSPTLCEPFCQDRQGITIGEAST
LLLLTREPQPIALLGVGESSDAWHMSAPHPEGRGAIAAINMALRKAGISPAEIGYINLHGTGTKLNDQMESIVINQIFGE
NTPCSSTKYLTGHTLGAAGACEAGLCWLLLTRHLPLPAQDFTRSGIDIALPACGLLTQSQPLEKPIVMSNSFAFGGNNTS
LILGVA
;
A
2 'polypeptide(L)'
;MKLTLDITDWQAIAPGLSLTEEWKAWSATLPAAIDKSRPLEKCTQLPMMTARRLSSGSRLAVDCGLSLLRRHQVDAIVYT
SRHGELERNYQILQNLAQQESISPTNFAMSVHNSSVGNLTIVAKAPLVSSSVSAGIDSFQQGLFEALTLIHAGHRKVLFV
DFEGEIPGFYHNVIDAKTPTYPFAVALLLEQGAGLSCTKQSSMETEPSLPQSLQFLHGWLRGEQHFVVSGDHCQWNWSR
;
B
#
loop_
_chem_comp.id
_chem_comp.type
_chem_comp.name
_chem_comp.formula
GOL non-polymer GLYCEROL 'C3 H8 O3'
PO4 non-polymer 'PHOSPHATE ION' 'O4 P -3'
#
# COMPACT_ATOMS: atom_id res chain seq x y z
N MET A 1 49.23 3.95 11.74
CA MET A 1 49.71 5.32 12.07
C MET A 1 48.49 6.24 12.20
N TRP A 2 48.68 7.46 12.74
CA TRP A 2 47.56 8.40 12.97
C TRP A 2 47.14 8.99 11.62
N SER A 3 45.83 9.12 11.40
CA SER A 3 45.26 9.83 10.22
C SER A 3 44.29 10.91 10.71
N HIS A 4 44.09 11.95 9.90
CA HIS A 4 43.26 13.12 10.26
C HIS A 4 41.80 12.69 10.22
N PRO A 5 41.08 12.82 11.35
CA PRO A 5 39.70 12.35 11.45
C PRO A 5 38.70 13.05 10.53
N GLN A 6 39.08 14.18 9.91
CA GLN A 6 38.13 14.87 9.00
C GLN A 6 38.27 14.35 7.56
N PHE A 7 39.22 13.47 7.30
CA PHE A 7 39.46 12.93 5.94
C PHE A 7 38.90 11.51 5.78
N GLN A 15 21.41 9.12 8.52
CA GLN A 15 21.08 10.55 8.28
C GLN A 15 19.56 10.75 8.32
N GLY A 16 19.12 11.93 8.80
CA GLY A 16 17.71 12.27 9.03
C GLY A 16 17.00 12.55 7.73
N ILE A 17 15.72 12.20 7.64
CA ILE A 17 14.87 12.47 6.46
C ILE A 17 13.91 13.63 6.80
N TYR A 18 13.74 14.53 5.84
CA TYR A 18 12.92 15.75 5.97
C TYR A 18 11.85 15.73 4.87
N ILE A 19 10.82 16.55 5.07
CA ILE A 19 9.75 16.75 4.07
C ILE A 19 9.97 18.12 3.43
N SER A 20 10.24 18.16 2.13
CA SER A 20 10.51 19.44 1.44
C SER A 20 9.22 20.02 0.85
N ALA A 21 8.25 19.19 0.47
CA ALA A 21 7.04 19.66 -0.24
C ALA A 21 5.91 18.65 -0.13
N VAL A 22 4.66 19.15 -0.12
CA VAL A 22 3.45 18.30 -0.08
C VAL A 22 2.42 18.86 -1.07
N GLY A 23 1.87 17.96 -1.89
CA GLY A 23 0.73 18.25 -2.79
C GLY A 23 -0.44 17.38 -2.38
N MET A 24 -1.65 17.94 -2.30
CA MET A 24 -2.83 17.18 -1.81
C MET A 24 -4.11 17.56 -2.58
N LEU A 25 -4.98 16.58 -2.79
CA LEU A 25 -6.41 16.80 -3.10
C LEU A 25 -7.23 15.85 -2.24
N ASN A 26 -8.32 16.34 -1.66
CA ASN A 26 -9.29 15.50 -0.90
C ASN A 26 -10.59 16.27 -0.76
N ALA A 27 -11.55 15.78 0.02
CA ALA A 27 -12.87 16.46 0.17
C ALA A 27 -12.72 17.87 0.77
N LEU A 28 -11.59 18.19 1.43
CA LEU A 28 -11.34 19.52 2.03
C LEU A 28 -10.86 20.54 0.97
N GLY A 29 -10.46 20.12 -0.22
CA GLY A 29 -10.01 21.07 -1.26
C GLY A 29 -9.06 20.50 -2.28
N ASP A 30 -8.74 21.34 -3.28
CA ASP A 30 -7.99 20.99 -4.53
C ASP A 30 -6.51 21.37 -4.39
N ASN A 31 -6.11 21.98 -3.27
CA ASN A 31 -4.72 22.44 -3.04
C ASN A 31 -4.52 22.70 -1.55
N VAL A 32 -3.27 22.82 -1.11
CA VAL A 32 -2.93 22.88 0.35
C VAL A 32 -3.52 24.16 0.97
N ASP A 33 -3.58 25.28 0.22
CA ASP A 33 -4.15 26.56 0.72
C ASP A 33 -5.62 26.34 1.11
N ASP A 34 -6.42 25.77 0.21
CA ASP A 34 -7.87 25.57 0.40
C ASP A 34 -8.10 24.52 1.51
N ILE A 35 -7.30 23.47 1.51
CA ILE A 35 -7.43 22.38 2.52
C ILE A 35 -7.17 22.96 3.92
N ALA A 36 -6.12 23.76 4.07
CA ALA A 36 -5.74 24.38 5.36
C ALA A 36 -6.91 25.22 5.88
N GLN A 37 -7.46 26.08 5.02
CA GLN A 37 -8.60 26.98 5.38
C GLN A 37 -9.79 26.13 5.83
N ASN A 38 -10.17 25.13 5.03
CA ASN A 38 -11.40 24.33 5.24
C ASN A 38 -11.23 23.43 6.48
N LEU A 39 -10.01 22.95 6.75
CA LEU A 39 -9.70 22.16 7.96
C LEU A 39 -9.98 23.01 9.21
N VAL A 40 -9.54 24.27 9.20
CA VAL A 40 -9.74 25.22 10.33
C VAL A 40 -11.24 25.48 10.49
N LEU A 41 -11.98 25.60 9.38
CA LEU A 41 -13.42 25.91 9.36
C LEU A 41 -14.23 24.66 9.73
N GLY A 42 -13.67 23.46 9.61
CA GLY A 42 -14.37 22.18 9.86
C GLY A 42 -15.44 21.89 8.82
N GLN A 43 -15.21 22.28 7.56
CA GLN A 43 -16.18 22.01 6.47
C GLN A 43 -15.44 21.44 5.26
N ALA A 44 -15.98 20.38 4.69
CA ALA A 44 -15.38 19.66 3.54
C ALA A 44 -16.35 19.78 2.37
N PRO A 45 -16.13 20.72 1.41
CA PRO A 45 -17.07 20.92 0.31
C PRO A 45 -17.33 19.67 -0.54
N GLY A 46 -16.38 18.73 -0.58
CA GLY A 46 -16.51 17.50 -1.39
C GLY A 46 -17.30 16.40 -0.67
N MET A 47 -17.66 16.59 0.60
CA MET A 47 -18.34 15.56 1.42
C MET A 47 -19.86 15.76 1.33
N TYR A 48 -20.55 14.87 0.60
CA TYR A 48 -22.02 14.93 0.43
C TYR A 48 -22.54 13.64 -0.19
N GLU A 49 -23.85 13.46 -0.10
CA GLU A 49 -24.55 12.26 -0.61
C GLU A 49 -24.49 12.24 -2.14
N ARG A 50 -24.07 11.11 -2.70
CA ARG A 50 -23.97 10.89 -4.17
C ARG A 50 -24.71 9.62 -4.54
N SER A 51 -25.42 9.68 -5.67
CA SER A 51 -26.19 8.56 -6.26
C SER A 51 -25.29 7.77 -7.21
N GLY A 52 -25.65 6.52 -7.47
CA GLY A 52 -25.06 5.70 -8.53
C GLY A 52 -23.92 4.82 -8.03
N TRP A 53 -23.62 4.85 -6.73
CA TRP A 53 -22.50 4.07 -6.16
C TRP A 53 -22.98 2.85 -5.39
N LEU A 54 -23.88 3.07 -4.43
CA LEU A 54 -24.29 2.03 -3.46
C LEU A 54 -25.52 1.33 -4.01
N GLN A 55 -25.43 0.01 -4.18
CA GLN A 55 -26.53 -0.83 -4.69
C GLN A 55 -27.41 -1.24 -3.52
N PRO A 56 -28.73 -1.47 -3.72
CA PRO A 56 -29.41 -1.19 -4.98
C PRO A 56 -30.11 0.19 -5.00
N GLY A 57 -29.66 1.09 -5.86
CA GLY A 57 -30.27 2.42 -6.10
C GLY A 57 -30.32 3.29 -4.85
N LYS A 58 -29.32 3.20 -3.96
CA LYS A 58 -29.26 4.01 -2.72
C LYS A 58 -28.35 5.22 -2.94
N THR A 59 -28.53 6.31 -2.17
CA THR A 59 -27.54 7.42 -2.10
CA THR A 59 -27.55 7.42 -2.08
C THR A 59 -26.57 7.10 -0.96
N CYS A 60 -25.40 7.71 -1.00
CA CYS A 60 -24.31 7.40 -0.06
C CYS A 60 -23.49 8.67 0.19
N CYS A 61 -23.31 9.06 1.45
CA CYS A 61 -22.38 10.16 1.81
C CYS A 61 -20.97 9.71 1.48
N LEU A 62 -20.25 10.46 0.64
CA LEU A 62 -18.88 10.13 0.20
C LEU A 62 -18.05 11.40 0.20
N GLY A 63 -16.75 11.26 0.50
CA GLY A 63 -15.77 12.36 0.38
C GLY A 63 -15.16 12.34 -1.01
N GLY A 64 -15.56 13.27 -1.87
CA GLY A 64 -15.13 13.30 -3.27
C GLY A 64 -14.24 14.48 -3.59
N VAL A 65 -13.43 14.32 -4.63
CA VAL A 65 -12.66 15.41 -5.28
C VAL A 65 -13.40 15.78 -6.56
N ASP A 66 -13.99 16.97 -6.59
CA ASP A 66 -14.87 17.42 -7.69
C ASP A 66 -14.08 18.27 -8.69
N ALA A 67 -12.83 18.62 -8.36
CA ALA A 67 -11.94 19.45 -9.21
C ALA A 67 -11.83 18.87 -10.63
N GLU A 68 -11.74 19.73 -11.63
CA GLU A 68 -11.31 19.32 -12.99
C GLU A 68 -9.86 18.87 -12.87
N LEU A 69 -9.55 17.65 -13.30
CA LEU A 69 -8.19 17.07 -13.17
C LEU A 69 -7.42 17.28 -14.46
N PRO A 70 -6.08 17.41 -14.39
CA PRO A 70 -5.25 17.50 -15.58
C PRO A 70 -5.47 16.27 -16.48
N ALA A 71 -5.50 16.50 -17.78
CA ALA A 71 -5.63 15.43 -18.79
C ALA A 71 -4.37 14.56 -18.73
N MET A 72 -4.54 13.24 -18.89
CA MET A 72 -3.41 12.32 -19.12
C MET A 72 -2.85 12.63 -20.50
N PRO A 73 -1.54 12.99 -20.61
CA PRO A 73 -0.93 13.19 -21.92
C PRO A 73 -1.23 11.96 -22.78
N ASP A 74 -1.53 12.15 -24.06
CA ASP A 74 -2.11 11.05 -24.89
C ASP A 74 -1.01 10.03 -25.23
N MET A 75 0.27 10.35 -25.03
CA MET A 75 1.37 9.36 -25.21
C MET A 75 1.48 8.47 -23.95
N LEU A 76 0.69 8.74 -22.91
CA LEU A 76 0.65 7.94 -21.64
C LEU A 76 -0.77 7.43 -21.40
N SER A 77 -1.56 7.23 -22.45
CA SER A 77 -3.00 6.88 -22.34
C SER A 77 -3.20 5.50 -21.68
N GLU A 78 -2.18 4.63 -21.68
CA GLU A 78 -2.26 3.33 -20.97
C GLU A 78 -2.46 3.56 -19.47
N HIS A 79 -2.07 4.74 -18.97
CA HIS A 79 -2.13 5.12 -17.53
C HIS A 79 -3.31 6.07 -17.24
N ASN A 80 -4.24 6.22 -18.19
CA ASN A 80 -5.35 7.21 -18.09
C ASN A 80 -6.44 6.71 -17.13
N SER A 81 -6.18 6.75 -15.82
CA SER A 81 -7.16 6.55 -14.74
C SER A 81 -7.41 7.87 -14.00
N ARG A 82 -8.58 8.03 -13.37
CA ARG A 82 -8.78 9.17 -12.44
C ARG A 82 -7.71 9.09 -11.34
N ASN A 83 -7.35 7.88 -10.92
CA ASN A 83 -6.35 7.69 -9.84
C ASN A 83 -5.05 8.41 -10.24
N ASN A 84 -4.55 8.18 -11.45
CA ASN A 84 -3.28 8.81 -11.91
C ASN A 84 -3.49 10.30 -12.19
N ARG A 85 -4.67 10.71 -12.64
CA ARG A 85 -4.93 12.17 -12.85
C ARG A 85 -4.97 12.90 -11.50
N LEU A 86 -5.44 12.23 -10.43
CA LEU A 86 -5.39 12.81 -9.05
C LEU A 86 -3.93 12.94 -8.61
N LEU A 87 -3.11 11.93 -8.88
CA LEU A 87 -1.66 11.99 -8.57
C LEU A 87 -1.00 13.11 -9.39
N LEU A 88 -1.34 13.24 -10.67
CA LEU A 88 -0.79 14.30 -11.54
C LEU A 88 -1.19 15.68 -10.98
N ALA A 89 -2.42 15.84 -10.51
CA ALA A 89 -2.89 17.11 -9.90
C ALA A 89 -2.04 17.42 -8.66
N ALA A 90 -1.76 16.41 -7.81
CA ALA A 90 -0.91 16.60 -6.61
C ALA A 90 0.53 16.95 -7.04
N LEU A 91 1.05 16.28 -8.06
CA LEU A 91 2.42 16.51 -8.55
C LEU A 91 2.57 17.97 -9.03
N MET A 92 1.53 18.51 -9.68
CA MET A 92 1.62 19.88 -10.23
C MET A 92 1.84 20.89 -9.08
N GLN A 93 1.36 20.59 -7.87
CA GLN A 93 1.53 21.49 -6.69
C GLN A 93 2.99 21.54 -6.25
N ILE A 94 3.76 20.48 -6.49
CA ILE A 94 5.15 20.37 -5.98
C ILE A 94 6.16 20.23 -7.14
N LYS A 95 5.75 20.52 -8.38
CA LYS A 95 6.56 20.23 -9.59
C LYS A 95 7.92 20.94 -9.53
N PRO A 96 8.02 22.25 -9.15
CA PRO A 96 9.33 22.90 -9.08
C PRO A 96 10.30 22.18 -8.13
N GLN A 97 9.80 21.74 -6.96
CA GLN A 97 10.61 21.05 -5.92
C GLN A 97 11.05 19.68 -6.46
N VAL A 98 10.17 18.96 -7.14
CA VAL A 98 10.50 17.63 -7.75
C VAL A 98 11.54 17.82 -8.86
N ASP A 99 11.35 18.81 -9.74
CA ASP A 99 12.28 19.12 -10.85
C ASP A 99 13.67 19.45 -10.27
N GLU A 100 13.73 20.19 -9.16
CA GLU A 100 15.01 20.57 -8.48
C GLU A 100 15.70 19.29 -7.95
N ALA A 101 14.96 18.40 -7.30
CA ALA A 101 15.52 17.14 -6.75
C ALA A 101 16.10 16.28 -7.88
N ILE A 102 15.39 16.12 -9.00
CA ILE A 102 15.86 15.27 -10.13
C ILE A 102 17.15 15.87 -10.71
N ALA A 103 17.18 17.19 -10.90
CA ALA A 103 18.33 17.92 -11.50
C ALA A 103 19.54 17.83 -10.58
N ARG A 104 19.32 17.94 -9.26
CA ARG A 104 20.40 17.97 -8.23
C ARG A 104 21.01 16.58 -8.03
N HIS A 105 20.16 15.55 -7.86
CA HIS A 105 20.60 14.19 -7.44
C HIS A 105 20.78 13.25 -8.63
N GLY A 106 20.10 13.53 -9.76
CA GLY A 106 20.08 12.64 -10.95
C GLY A 106 18.90 11.69 -10.91
N ARG A 107 18.46 11.24 -12.08
CA ARG A 107 17.27 10.36 -12.30
C ARG A 107 17.39 9.07 -11.49
N GLU A 108 18.62 8.57 -11.30
CA GLU A 108 18.90 7.24 -10.71
C GLU A 108 18.79 7.31 -9.17
N ARG A 109 18.89 8.51 -8.58
CA ARG A 109 18.99 8.69 -7.09
C ARG A 109 17.71 9.34 -6.55
N ILE A 110 16.59 9.12 -7.25
CA ILE A 110 15.22 9.44 -6.75
C ILE A 110 14.43 8.13 -6.75
N ALA A 111 13.64 7.90 -5.70
CA ALA A 111 12.67 6.79 -5.64
C ALA A 111 11.25 7.32 -5.83
N VAL A 112 10.36 6.48 -6.34
CA VAL A 112 8.90 6.74 -6.40
CA VAL A 112 8.90 6.78 -6.33
C VAL A 112 8.18 5.60 -5.67
N ILE A 113 7.73 5.82 -4.44
CA ILE A 113 7.06 4.76 -3.63
C ILE A 113 5.63 5.21 -3.33
N MET A 114 4.68 4.57 -3.99
CA MET A 114 3.25 4.91 -3.83
C MET A 114 2.57 3.85 -2.97
N GLY A 115 1.36 4.15 -2.54
CA GLY A 115 0.44 3.20 -1.91
C GLY A 115 -0.95 3.39 -2.50
N THR A 116 -1.65 2.29 -2.73
CA THR A 116 -3.05 2.33 -3.17
C THR A 116 -3.73 1.02 -2.80
N SER A 117 -5.03 1.12 -2.56
CA SER A 117 -5.93 -0.05 -2.45
C SER A 117 -6.85 -0.13 -3.68
N THR A 118 -6.87 0.88 -4.56
CA THR A 118 -7.78 0.88 -5.73
C THR A 118 -7.03 0.88 -7.06
N SER A 119 -5.97 1.67 -7.20
CA SER A 119 -5.49 2.08 -8.54
C SER A 119 -6.72 2.51 -9.36
N GLY A 120 -6.81 2.14 -10.64
CA GLY A 120 -7.94 2.46 -11.52
C GLY A 120 -9.04 1.42 -11.44
N LEU A 121 -9.50 1.10 -10.22
CA LEU A 121 -10.55 0.09 -10.00
C LEU A 121 -11.86 0.56 -10.65
N ASP A 122 -12.19 1.83 -10.59
CA ASP A 122 -13.43 2.36 -11.22
C ASP A 122 -13.36 2.11 -12.73
N GLU A 123 -12.20 2.32 -13.34
CA GLU A 123 -11.99 2.04 -14.79
C GLU A 123 -12.18 0.53 -15.06
N GLY A 124 -11.70 -0.33 -14.16
CA GLY A 124 -11.91 -1.78 -14.29
C GLY A 124 -13.39 -2.15 -14.20
N ASP A 125 -14.11 -1.48 -13.31
CA ASP A 125 -15.57 -1.69 -13.11
C ASP A 125 -16.29 -1.29 -14.41
N GLN A 126 -16.03 -0.10 -14.92
CA GLN A 126 -16.61 0.39 -16.19
C GLN A 126 -16.34 -0.64 -17.29
N HIS A 127 -15.11 -1.16 -17.36
CA HIS A 127 -14.73 -2.12 -18.44
C HIS A 127 -15.59 -3.39 -18.35
N VAL A 128 -15.77 -3.95 -17.17
CA VAL A 128 -16.57 -5.19 -17.03
C VAL A 128 -18.02 -4.89 -17.42
N SER A 129 -18.64 -3.87 -16.84
CA SER A 129 -20.07 -3.57 -17.10
C SER A 129 -20.26 -3.21 -18.59
N ARG A 130 -19.38 -2.41 -19.17
CA ARG A 130 -19.54 -1.94 -20.58
C ARG A 130 -19.39 -3.16 -21.47
N THR A 131 -18.49 -4.08 -21.15
CA THR A 131 -18.23 -5.29 -21.98
C THR A 131 -19.43 -6.24 -21.86
N VAL A 132 -19.87 -6.52 -20.64
CA VAL A 132 -20.95 -7.53 -20.37
C VAL A 132 -22.23 -7.09 -21.09
N TYR A 133 -22.55 -5.80 -21.07
CA TYR A 133 -23.85 -5.31 -21.62
C TYR A 133 -23.66 -4.55 -22.93
N GLN A 134 -22.44 -4.52 -23.49
CA GLN A 134 -22.16 -3.91 -24.82
C GLN A 134 -22.64 -2.45 -24.79
N GLN A 135 -22.30 -1.74 -23.73
CA GLN A 135 -22.71 -0.34 -23.50
C GLN A 135 -21.82 0.56 -24.36
N SER A 136 -22.43 1.51 -25.07
CA SER A 136 -21.72 2.40 -26.03
C SER A 136 -21.81 3.86 -25.56
N HIS A 137 -23.01 4.31 -25.24
CA HIS A 137 -23.35 5.75 -25.03
C HIS A 137 -22.79 6.31 -23.71
N GLY A 138 -23.02 5.64 -22.58
CA GLY A 138 -22.58 6.12 -21.25
C GLY A 138 -21.09 6.45 -21.20
N SER A 139 -20.26 5.67 -21.91
CA SER A 139 -18.78 5.58 -21.72
C SER A 139 -18.03 6.13 -22.94
N TYR A 140 -17.07 7.03 -22.70
CA TYR A 140 -16.11 7.57 -23.70
C TYR A 140 -14.68 7.12 -23.36
N HIS A 141 -14.50 6.27 -22.35
CA HIS A 141 -13.16 5.98 -21.76
C HIS A 141 -12.38 4.94 -22.59
N ASP A 142 -11.13 5.26 -22.96
CA ASP A 142 -10.18 4.30 -23.59
C ASP A 142 -9.53 3.49 -22.47
N TYR A 143 -10.10 2.33 -22.14
CA TYR A 143 -9.59 1.40 -21.10
C TYR A 143 -8.28 0.77 -21.58
N HIS A 144 -7.36 0.58 -20.64
CA HIS A 144 -6.17 -0.28 -20.81
C HIS A 144 -5.99 -1.05 -19.50
N TYR A 145 -5.60 -2.33 -19.57
CA TYR A 145 -5.42 -3.16 -18.36
C TYR A 145 -4.45 -2.46 -17.39
N TYR A 146 -3.43 -1.78 -17.89
CA TYR A 146 -2.43 -1.10 -17.02
C TYR A 146 -3.14 -0.17 -16.01
N GLN A 147 -4.26 0.44 -16.39
CA GLN A 147 -5.00 1.40 -15.52
C GLN A 147 -5.47 0.71 -14.24
N GLN A 148 -5.80 -0.57 -14.29
CA GLN A 148 -6.38 -1.22 -13.09
C GLN A 148 -5.29 -1.91 -12.25
N GLU A 149 -4.06 -2.05 -12.75
CA GLU A 149 -2.97 -2.70 -11.98
C GLU A 149 -2.62 -1.90 -10.72
N LEU A 150 -2.40 -2.60 -9.61
CA LEU A 150 -2.03 -1.92 -8.35
C LEU A 150 -0.65 -1.28 -8.42
N GLY A 151 0.23 -1.73 -9.31
CA GLY A 151 1.55 -1.10 -9.49
C GLY A 151 1.50 0.13 -10.38
N ASP A 152 0.34 0.48 -10.93
CA ASP A 152 0.31 1.57 -11.94
C ASP A 152 0.68 2.92 -11.34
N PRO A 153 0.34 3.30 -10.08
CA PRO A 153 0.69 4.64 -9.58
C PRO A 153 2.19 4.96 -9.70
N SER A 154 3.03 4.06 -9.20
CA SER A 154 4.50 4.27 -9.24
C SER A 154 5.03 4.11 -10.68
N ARG A 155 4.48 3.20 -11.45
CA ARG A 155 4.89 2.98 -12.85
C ARG A 155 4.61 4.27 -13.64
N PHE A 156 3.42 4.82 -13.50
CA PHE A 156 3.01 6.06 -14.21
C PHE A 156 3.95 7.21 -13.83
N LEU A 157 4.14 7.44 -12.52
CA LEU A 157 4.92 8.62 -12.09
C LEU A 157 6.38 8.45 -12.54
N ALA A 158 6.95 7.25 -12.47
CA ALA A 158 8.34 7.02 -12.89
C ALA A 158 8.47 7.32 -14.39
N ARG A 159 7.51 6.87 -15.20
CA ARG A 159 7.55 7.10 -16.67
C ARG A 159 7.41 8.61 -16.95
N TYR A 160 6.50 9.26 -16.24
CA TYR A 160 6.17 10.69 -16.45
C TYR A 160 7.39 11.56 -16.15
N LEU A 161 8.15 11.23 -15.09
CA LEU A 161 9.27 12.05 -14.57
C LEU A 161 10.64 11.50 -14.99
N ALA A 162 10.70 10.35 -15.66
CA ALA A 162 11.95 9.64 -16.04
C ALA A 162 12.77 9.31 -14.77
N ILE A 163 12.10 8.84 -13.72
CA ILE A 163 12.81 8.41 -12.48
C ILE A 163 13.27 6.96 -12.68
N GLU A 164 14.57 6.69 -12.49
CA GLU A 164 15.21 5.39 -12.80
C GLU A 164 15.59 4.67 -11.49
N GLY A 165 15.35 5.30 -10.34
CA GLY A 165 15.54 4.68 -9.01
C GLY A 165 14.40 3.72 -8.65
N PRO A 166 14.38 3.16 -7.42
CA PRO A 166 13.34 2.24 -7.02
C PRO A 166 11.96 2.86 -7.26
N ALA A 167 11.03 2.04 -7.77
CA ALA A 167 9.67 2.48 -8.12
C ALA A 167 8.71 1.31 -7.89
N PHE A 168 7.86 1.40 -6.88
CA PHE A 168 6.89 0.34 -6.58
C PHE A 168 5.76 0.90 -5.75
N THR A 169 4.68 0.13 -5.68
CA THR A 169 3.46 0.51 -4.92
C THR A 169 3.22 -0.51 -3.81
N LEU A 170 3.02 -0.02 -2.59
CA LEU A 170 2.56 -0.82 -1.44
C LEU A 170 1.04 -1.01 -1.59
N SER A 171 0.54 -2.20 -1.38
CA SER A 171 -0.94 -2.42 -1.33
C SER A 171 -1.24 -3.28 -0.10
N THR A 172 -1.25 -2.61 1.06
CA THR A 172 -1.60 -3.17 2.38
C THR A 172 -2.88 -2.51 2.87
N ALA A 173 -3.91 -2.48 2.02
CA ALA A 173 -5.23 -1.93 2.41
C ALA A 173 -5.02 -0.53 2.99
N CYS A 174 -5.60 -0.20 4.15
CA CYS A 174 -5.68 1.17 4.73
C CYS A 174 -4.30 1.70 5.15
N SER A 175 -3.24 0.88 5.18
CA SER A 175 -1.88 1.37 5.58
C SER A 175 -0.96 1.56 4.38
N SER A 176 -1.47 1.39 3.16
CA SER A 176 -0.64 1.38 1.92
C SER A 176 0.24 2.63 1.85
N SER A 177 -0.36 3.82 1.93
CA SER A 177 0.37 5.06 1.62
C SER A 177 1.20 5.52 2.82
N SER A 178 0.91 5.07 4.05
CA SER A 178 1.82 5.29 5.20
C SER A 178 3.01 4.33 5.13
N ARG A 179 2.82 3.07 4.71
CA ARG A 179 3.97 2.17 4.44
C ARG A 179 4.84 2.78 3.33
N ALA A 180 4.26 3.44 2.33
CA ALA A 180 5.06 4.06 1.24
C ALA A 180 6.03 5.10 1.83
N ILE A 181 5.56 5.89 2.80
CA ILE A 181 6.40 6.91 3.49
C ILE A 181 7.55 6.21 4.22
N ILE A 182 7.26 5.12 4.92
CA ILE A 182 8.30 4.35 5.66
C ILE A 182 9.35 3.84 4.68
N SER A 183 8.94 3.22 3.59
CA SER A 183 9.88 2.61 2.62
C SER A 183 10.73 3.71 1.96
N GLY A 184 10.14 4.84 1.58
CA GLY A 184 10.94 5.92 0.97
C GLY A 184 11.95 6.46 1.96
N GLN A 185 11.54 6.62 3.22
CA GLN A 185 12.45 7.11 4.29
C GLN A 185 13.64 6.16 4.36
N ARG A 186 13.39 4.85 4.35
CA ARG A 186 14.47 3.84 4.53
C ARG A 186 15.39 3.83 3.30
N LEU A 187 14.86 3.98 2.10
CA LEU A 187 15.71 3.94 0.87
C LEU A 187 16.69 5.13 0.89
N ILE A 188 16.28 6.27 1.46
CA ILE A 188 17.18 7.45 1.62
C ILE A 188 18.20 7.13 2.73
N GLU A 189 17.74 6.65 3.89
CA GLU A 189 18.66 6.26 5.00
C GLU A 189 19.73 5.29 4.50
N MET A 190 19.34 4.33 3.67
CA MET A 190 20.23 3.26 3.15
C MET A 190 21.31 3.84 2.22
N GLY A 191 21.08 5.03 1.66
CA GLY A 191 21.98 5.67 0.69
C GLY A 191 21.71 5.25 -0.75
N LEU A 192 20.60 4.55 -1.03
CA LEU A 192 20.27 4.11 -2.41
C LEU A 192 19.77 5.31 -3.23
N VAL A 193 19.09 6.23 -2.57
CA VAL A 193 18.56 7.48 -3.20
C VAL A 193 18.80 8.65 -2.25
N ASP A 194 18.73 9.87 -2.76
CA ASP A 194 18.86 11.13 -1.98
C ASP A 194 17.49 11.73 -1.68
N ALA A 195 16.49 11.42 -2.49
CA ALA A 195 15.12 11.92 -2.29
C ALA A 195 14.12 10.87 -2.76
N ALA A 196 12.89 10.98 -2.30
CA ALA A 196 11.82 10.02 -2.63
C ALA A 196 10.50 10.76 -2.75
N ILE A 197 9.78 10.53 -3.84
CA ILE A 197 8.37 10.96 -3.98
C ILE A 197 7.54 9.83 -3.38
N VAL A 198 6.83 10.11 -2.31
CA VAL A 198 6.02 9.09 -1.60
C VAL A 198 4.58 9.56 -1.45
N GLY A 199 3.70 8.62 -1.13
CA GLY A 199 2.29 8.93 -0.84
C GLY A 199 1.40 7.97 -1.58
N GLY A 200 0.30 8.46 -2.11
CA GLY A 200 -0.58 7.61 -2.91
C GLY A 200 -1.93 8.24 -3.16
N ALA A 201 -2.73 7.49 -3.89
CA ALA A 201 -4.10 7.94 -4.20
C ALA A 201 -5.01 6.71 -4.26
N ASP A 202 -6.24 6.93 -3.85
CA ASP A 202 -7.36 5.98 -3.99
C ASP A 202 -8.51 6.80 -4.59
N THR A 203 -9.31 6.18 -5.44
CA THR A 203 -10.44 6.89 -6.10
C THR A 203 -11.73 6.13 -5.84
N LEU A 204 -12.83 6.87 -5.82
CA LEU A 204 -14.15 6.28 -5.52
C LEU A 204 -14.39 5.13 -6.51
N SER A 205 -14.90 4.03 -6.00
CA SER A 205 -15.32 2.87 -6.82
C SER A 205 -16.49 2.18 -6.13
N ARG A 206 -17.39 1.65 -6.94
CA ARG A 206 -18.52 0.82 -6.43
C ARG A 206 -17.99 -0.39 -5.66
N MET A 207 -16.79 -0.89 -5.98
CA MET A 207 -16.32 -2.16 -5.36
C MET A 207 -16.09 -1.95 -3.86
N PRO A 208 -15.24 -1.03 -3.39
CA PRO A 208 -15.10 -0.84 -1.93
C PRO A 208 -16.39 -0.36 -1.24
N ILE A 209 -17.18 0.48 -1.91
CA ILE A 209 -18.43 1.03 -1.29
C ILE A 209 -19.38 -0.14 -1.01
N ASN A 210 -19.64 -0.99 -2.01
CA ASN A 210 -20.55 -2.14 -1.82
C ASN A 210 -19.87 -3.24 -0.99
N GLY A 211 -18.54 -3.37 -1.08
CA GLY A 211 -17.81 -4.35 -0.24
C GLY A 211 -17.93 -4.02 1.24
N PHE A 212 -17.69 -2.78 1.63
CA PHE A 212 -17.84 -2.38 3.05
C PHE A 212 -19.30 -2.52 3.47
N ASP A 213 -20.24 -2.28 2.55
CA ASP A 213 -21.68 -2.50 2.90
C ASP A 213 -21.90 -3.99 3.21
N SER A 214 -21.29 -4.90 2.43
CA SER A 214 -21.43 -6.37 2.63
C SER A 214 -20.87 -6.78 4.00
N LEU A 215 -19.88 -6.04 4.52
CA LEU A 215 -19.26 -6.25 5.86
C LEU A 215 -20.11 -5.58 6.96
N GLU A 216 -21.22 -4.93 6.60
CA GLU A 216 -22.10 -4.20 7.55
C GLU A 216 -21.26 -3.10 8.25
N SER A 217 -20.32 -2.52 7.53
CA SER A 217 -19.32 -1.57 8.08
C SER A 217 -19.40 -0.21 7.38
N LEU A 218 -20.38 0.00 6.50
CA LEU A 218 -20.59 1.28 5.79
C LEU A 218 -21.71 2.05 6.49
N SER A 219 -21.41 3.25 6.98
CA SER A 219 -22.43 4.24 7.40
C SER A 219 -22.97 4.90 6.14
N PRO A 220 -24.30 4.89 5.90
CA PRO A 220 -24.88 5.56 4.75
C PRO A 220 -24.80 7.09 4.94
N THR A 221 -24.86 7.50 6.22
CA THR A 221 -24.73 8.91 6.70
C THR A 221 -23.33 9.16 7.26
N LEU A 222 -22.94 10.44 7.30
CA LEU A 222 -21.56 10.84 7.62
C LEU A 222 -21.08 10.17 8.91
N CYS A 223 -19.89 9.58 8.87
CA CYS A 223 -19.32 8.83 10.00
C CYS A 223 -19.15 9.75 11.22
N GLU A 224 -19.17 9.13 12.40
CA GLU A 224 -19.00 9.80 13.71
C GLU A 224 -17.99 9.02 14.53
N PRO A 225 -16.67 9.13 14.24
CA PRO A 225 -15.67 8.41 15.02
C PRO A 225 -15.82 8.67 16.53
N PHE A 226 -15.74 7.60 17.31
CA PHE A 226 -15.74 7.59 18.80
C PHE A 226 -17.10 8.00 19.39
N CYS A 227 -18.18 7.98 18.61
CA CYS A 227 -19.51 8.45 19.05
C CYS A 227 -20.44 7.28 19.39
N GLN A 228 -21.44 7.59 20.22
CA GLN A 228 -22.39 6.63 20.81
C GLN A 228 -23.13 5.87 19.69
N ASP A 229 -23.58 6.57 18.65
CA ASP A 229 -24.49 5.98 17.63
C ASP A 229 -23.71 5.52 16.37
N ARG A 230 -22.39 5.41 16.44
CA ARG A 230 -21.57 5.19 15.21
C ARG A 230 -21.93 3.85 14.56
N GLN A 231 -22.08 3.84 13.24
CA GLN A 231 -22.56 2.68 12.46
C GLN A 231 -21.60 2.36 11.32
N GLY A 232 -20.33 2.78 11.42
CA GLY A 232 -19.29 2.39 10.44
C GLY A 232 -18.67 3.56 9.70
N ILE A 233 -18.11 3.28 8.53
CA ILE A 233 -17.19 4.22 7.84
C ILE A 233 -17.95 5.03 6.80
N THR A 234 -17.37 6.17 6.45
CA THR A 234 -17.71 6.97 5.26
C THR A 234 -16.50 6.93 4.33
N ILE A 235 -16.68 6.46 3.11
CA ILE A 235 -15.55 6.34 2.15
C ILE A 235 -15.28 7.70 1.50
N GLY A 236 -14.01 8.01 1.33
CA GLY A 236 -13.57 9.17 0.56
C GLY A 236 -12.45 8.81 -0.39
N GLU A 237 -12.10 9.75 -1.26
CA GLU A 237 -10.94 9.61 -2.17
C GLU A 237 -9.96 10.75 -1.88
N ALA A 238 -8.70 10.53 -2.21
CA ALA A 238 -7.63 11.52 -1.95
C ALA A 238 -6.39 11.15 -2.75
N SER A 239 -5.56 12.17 -3.05
CA SER A 239 -4.17 12.00 -3.51
C SER A 239 -3.27 12.85 -2.62
N THR A 240 -2.13 12.30 -2.24
CA THR A 240 -1.08 13.03 -1.49
C THR A 240 0.28 12.62 -2.06
N LEU A 241 1.11 13.61 -2.36
CA LEU A 241 2.54 13.37 -2.66
C LEU A 241 3.36 14.18 -1.65
N LEU A 242 4.31 13.51 -1.02
CA LEU A 242 5.32 14.17 -0.15
C LEU A 242 6.69 13.96 -0.80
N LEU A 243 7.51 15.00 -0.82
CA LEU A 243 8.90 14.88 -1.29
C LEU A 243 9.79 14.73 -0.05
N LEU A 244 10.29 13.52 0.18
CA LEU A 244 11.25 13.21 1.27
C LEU A 244 12.66 13.48 0.76
N THR A 245 13.51 14.01 1.63
CA THR A 245 14.91 14.32 1.26
C THR A 245 15.84 14.21 2.47
N ARG A 246 17.12 13.95 2.19
CA ARG A 246 18.20 13.99 3.22
CA ARG A 246 18.20 13.99 3.23
C ARG A 246 18.62 15.44 3.48
N GLU A 247 18.25 16.38 2.59
CA GLU A 247 18.60 17.81 2.74
C GLU A 247 17.67 18.45 3.77
N PRO A 248 18.21 19.16 4.79
CA PRO A 248 17.38 19.76 5.83
C PRO A 248 16.25 20.64 5.32
N GLN A 249 15.07 20.48 5.92
CA GLN A 249 13.85 21.28 5.64
C GLN A 249 13.19 21.63 6.98
N PRO A 250 12.23 22.58 7.01
CA PRO A 250 11.61 22.96 8.28
C PRO A 250 10.94 21.82 9.06
N ILE A 251 10.43 20.79 8.36
CA ILE A 251 9.74 19.63 8.99
C ILE A 251 10.56 18.36 8.78
N ALA A 252 10.79 17.63 9.87
CA ALA A 252 11.52 16.36 9.90
C ALA A 252 10.52 15.19 10.03
N LEU A 253 10.83 14.08 9.38
CA LEU A 253 10.17 12.78 9.67
C LEU A 253 10.98 12.15 10.81
N LEU A 254 10.51 12.34 12.05
CA LEU A 254 11.27 12.02 13.28
C LEU A 254 11.23 10.51 13.54
N GLY A 255 10.07 9.88 13.33
CA GLY A 255 9.85 8.49 13.74
C GLY A 255 8.90 7.77 12.81
N VAL A 256 9.13 6.48 12.62
CA VAL A 256 8.23 5.57 11.87
C VAL A 256 8.14 4.27 12.67
N GLY A 257 6.98 3.65 12.66
CA GLY A 257 6.70 2.39 13.35
C GLY A 257 5.76 1.52 12.54
N GLU A 258 5.91 0.20 12.67
CA GLU A 258 5.17 -0.79 11.87
C GLU A 258 4.98 -2.07 12.69
N SER A 259 3.89 -2.78 12.47
CA SER A 259 3.59 -4.07 13.13
C SER A 259 2.48 -4.79 12.37
N SER A 260 2.30 -6.09 12.67
CA SER A 260 1.15 -6.90 12.21
C SER A 260 0.47 -7.54 13.42
N ASP A 261 -0.86 -7.49 13.46
CA ASP A 261 -1.66 -8.07 14.58
C ASP A 261 -1.56 -9.61 14.59
N ALA A 262 -1.57 -10.25 13.41
CA ALA A 262 -1.68 -11.72 13.27
C ALA A 262 -2.94 -12.20 14.01
N TRP A 263 -4.06 -11.51 13.84
CA TRP A 263 -5.31 -11.81 14.59
C TRP A 263 -6.47 -12.12 13.64
N HIS A 264 -6.90 -11.15 12.84
CA HIS A 264 -8.08 -11.29 11.93
C HIS A 264 -7.84 -10.48 10.65
N MET A 265 -8.51 -10.86 9.56
CA MET A 265 -8.28 -10.18 8.25
C MET A 265 -8.94 -8.79 8.22
N SER A 266 -9.95 -8.51 9.05
CA SER A 266 -10.70 -7.22 8.95
C SER A 266 -10.98 -6.58 10.32
N ALA A 267 -11.01 -7.35 11.40
CA ALA A 267 -11.19 -6.87 12.79
C ALA A 267 -9.83 -6.68 13.45
N PRO A 268 -9.67 -5.66 14.32
CA PRO A 268 -8.40 -5.42 15.01
C PRO A 268 -8.17 -6.38 16.18
N HIS A 269 -6.90 -6.55 16.57
CA HIS A 269 -6.53 -7.24 17.83
C HIS A 269 -7.32 -6.57 18.96
N PRO A 270 -8.13 -7.33 19.73
CA PRO A 270 -9.03 -6.72 20.71
C PRO A 270 -8.27 -5.94 21.79
N GLU A 271 -7.03 -6.35 22.09
CA GLU A 271 -6.13 -5.70 23.07
C GLU A 271 -5.20 -4.68 22.37
N GLY A 272 -5.31 -4.51 21.06
CA GLY A 272 -4.51 -3.50 20.34
C GLY A 272 -3.02 -3.76 20.42
N ARG A 273 -2.60 -5.02 20.53
CA ARG A 273 -1.17 -5.42 20.66
C ARG A 273 -0.35 -4.83 19.49
N GLY A 274 -0.86 -4.93 18.26
CA GLY A 274 -0.13 -4.43 17.09
C GLY A 274 -0.05 -2.92 17.10
N ALA A 275 -1.15 -2.23 17.42
CA ALA A 275 -1.18 -0.75 17.47
C ALA A 275 -0.11 -0.28 18.47
N ILE A 276 -0.05 -0.92 19.64
CA ILE A 276 0.90 -0.56 20.72
C ILE A 276 2.34 -0.71 20.18
N ALA A 277 2.63 -1.82 19.50
CA ALA A 277 3.97 -2.13 18.96
C ALA A 277 4.40 -1.07 17.94
N ALA A 278 3.50 -0.65 17.04
CA ALA A 278 3.81 0.35 16.00
C ALA A 278 4.09 1.70 16.64
N ILE A 279 3.25 2.12 17.59
CA ILE A 279 3.39 3.45 18.27
C ILE A 279 4.72 3.47 19.04
N ASN A 280 5.00 2.41 19.79
CA ASN A 280 6.23 2.30 20.61
C ASN A 280 7.46 2.36 19.67
N MET A 281 7.41 1.66 18.54
CA MET A 281 8.56 1.65 17.58
C MET A 281 8.80 3.08 17.07
N ALA A 282 7.74 3.83 16.73
CA ALA A 282 7.88 5.21 16.20
C ALA A 282 8.48 6.13 17.29
N LEU A 283 8.01 6.02 18.53
CA LEU A 283 8.51 6.87 19.64
C LEU A 283 10.01 6.59 19.86
N ARG A 284 10.43 5.32 19.80
CA ARG A 284 11.84 4.95 20.09
C ARG A 284 12.74 5.41 18.94
N LYS A 285 12.29 5.32 17.68
CA LYS A 285 13.03 5.86 16.51
C LYS A 285 13.24 7.36 16.68
N ALA A 286 12.20 8.08 17.12
CA ALA A 286 12.25 9.55 17.32
C ALA A 286 13.03 9.90 18.59
N GLY A 287 13.23 8.94 19.49
CA GLY A 287 13.96 9.12 20.76
C GLY A 287 13.19 10.01 21.71
N ILE A 288 11.86 9.89 21.72
CA ILE A 288 10.96 10.72 22.58
C ILE A 288 10.04 9.83 23.40
N SER A 289 9.45 10.41 24.45
CA SER A 289 8.43 9.79 25.32
C SER A 289 7.04 10.15 24.82
N PRO A 290 5.99 9.40 25.21
CA PRO A 290 4.60 9.76 24.88
C PRO A 290 4.27 11.23 25.21
N ALA A 291 4.86 11.76 26.30
CA ALA A 291 4.61 13.12 26.83
C ALA A 291 5.04 14.21 25.83
N GLU A 292 5.90 13.88 24.86
CA GLU A 292 6.48 14.88 23.91
C GLU A 292 5.57 15.05 22.68
N ILE A 293 4.52 14.23 22.54
CA ILE A 293 3.54 14.33 21.41
C ILE A 293 2.53 15.44 21.72
N GLY A 294 2.37 16.42 20.83
CA GLY A 294 1.41 17.53 20.97
C GLY A 294 0.03 17.19 20.43
N TYR A 295 -0.05 16.27 19.46
CA TYR A 295 -1.34 15.88 18.81
C TYR A 295 -1.17 14.53 18.13
N ILE A 296 -2.20 13.70 18.22
CA ILE A 296 -2.32 12.43 17.47
C ILE A 296 -3.52 12.53 16.53
N ASN A 297 -3.25 12.42 15.22
CA ASN A 297 -4.30 12.16 14.21
C ASN A 297 -4.60 10.66 14.23
N LEU A 298 -5.74 10.31 14.83
CA LEU A 298 -6.16 8.90 15.06
C LEU A 298 -6.55 8.25 13.73
N HIS A 299 -6.63 6.92 13.74
CA HIS A 299 -7.22 6.15 12.63
C HIS A 299 -8.75 6.40 12.64
N GLY A 300 -9.42 6.13 13.75
CA GLY A 300 -10.81 6.53 14.04
C GLY A 300 -11.71 6.46 12.82
N THR A 301 -12.10 5.25 12.42
CA THR A 301 -12.87 5.00 11.18
C THR A 301 -14.38 5.15 11.43
N GLY A 302 -14.84 4.98 12.66
CA GLY A 302 -16.28 5.01 12.99
C GLY A 302 -16.90 3.63 13.09
N THR A 303 -16.13 2.55 12.94
CA THR A 303 -16.66 1.18 13.27
C THR A 303 -16.67 1.02 14.79
N LYS A 304 -17.54 0.12 15.27
CA LYS A 304 -17.63 -0.22 16.72
C LYS A 304 -16.26 -0.70 17.19
N LEU A 305 -15.68 -1.68 16.50
CA LEU A 305 -14.46 -2.40 16.95
C LEU A 305 -13.21 -1.51 16.82
N ASN A 306 -13.04 -0.78 15.72
CA ASN A 306 -11.81 0.03 15.56
C ASN A 306 -11.74 1.05 16.71
N ASP A 307 -12.80 1.83 16.88
CA ASP A 307 -12.74 3.04 17.74
C ASP A 307 -12.60 2.59 19.20
N GLN A 308 -13.21 1.47 19.58
CA GLN A 308 -13.08 0.89 20.94
C GLN A 308 -11.61 0.55 21.20
N MET A 309 -11.02 -0.28 20.32
CA MET A 309 -9.60 -0.73 20.43
C MET A 309 -8.69 0.51 20.53
N GLU A 310 -8.90 1.50 19.67
CA GLU A 310 -7.95 2.65 19.55
C GLU A 310 -8.01 3.50 20.83
N SER A 311 -9.21 3.73 21.37
CA SER A 311 -9.40 4.52 22.61
C SER A 311 -8.64 3.83 23.75
N ILE A 312 -8.71 2.50 23.81
CA ILE A 312 -8.00 1.67 24.84
C ILE A 312 -6.48 1.84 24.67
N VAL A 313 -5.96 1.74 23.45
CA VAL A 313 -4.50 1.86 23.15
C VAL A 313 -3.99 3.26 23.54
N ILE A 314 -4.69 4.32 23.15
CA ILE A 314 -4.23 5.70 23.45
C ILE A 314 -4.30 5.90 24.97
N ASN A 315 -5.37 5.46 25.63
CA ASN A 315 -5.48 5.55 27.11
C ASN A 315 -4.27 4.87 27.75
N GLN A 316 -3.84 3.71 27.23
CA GLN A 316 -2.74 2.89 27.81
C GLN A 316 -1.40 3.60 27.66
N ILE A 317 -1.09 4.15 26.48
CA ILE A 317 0.25 4.73 26.17
C ILE A 317 0.32 6.17 26.65
N PHE A 318 -0.71 6.98 26.38
CA PHE A 318 -0.67 8.46 26.54
C PHE A 318 -1.45 8.91 27.79
N GLY A 319 -2.37 8.09 28.27
CA GLY A 319 -3.35 8.52 29.30
C GLY A 319 -4.42 9.39 28.70
N GLU A 320 -4.83 10.45 29.42
CA GLU A 320 -6.07 11.22 29.17
C GLU A 320 -5.77 12.65 28.67
N ASN A 321 -4.49 13.03 28.54
CA ASN A 321 -4.09 14.46 28.42
C ASN A 321 -3.33 14.76 27.11
N THR A 322 -3.29 13.82 26.16
CA THR A 322 -2.67 14.07 24.83
C THR A 322 -3.79 14.39 23.84
N PRO A 323 -3.85 15.62 23.29
CA PRO A 323 -4.89 15.96 22.32
C PRO A 323 -4.91 14.99 21.14
N CYS A 324 -6.08 14.49 20.78
CA CYS A 324 -6.21 13.59 19.62
C CYS A 324 -7.60 13.72 18.99
N SER A 325 -7.67 13.39 17.71
CA SER A 325 -8.93 13.38 16.94
C SER A 325 -8.70 12.59 15.66
N SER A 326 -9.79 12.03 15.13
CA SER A 326 -9.88 11.51 13.75
C SER A 326 -10.56 12.55 12.87
N THR A 327 -9.92 12.90 11.75
CA THR A 327 -10.45 13.86 10.76
C THR A 327 -11.25 13.13 9.67
N LYS A 328 -11.62 11.85 9.87
CA LYS A 328 -12.31 11.08 8.81
C LYS A 328 -13.76 11.57 8.63
N TYR A 329 -14.31 12.35 9.57
CA TYR A 329 -15.65 13.01 9.38
C TYR A 329 -15.53 14.16 8.36
N LEU A 330 -14.32 14.56 7.97
CA LEU A 330 -14.07 15.63 6.96
C LEU A 330 -13.65 15.02 5.63
N THR A 331 -12.61 14.18 5.62
CA THR A 331 -12.07 13.56 4.39
C THR A 331 -12.84 12.29 3.98
N GLY A 332 -13.53 11.65 4.93
CA GLY A 332 -13.87 10.23 4.80
C GLY A 332 -12.66 9.35 5.07
N HIS A 333 -12.91 8.06 5.18
CA HIS A 333 -11.86 7.02 5.18
C HIS A 333 -11.39 6.87 3.74
N THR A 334 -10.20 7.38 3.42
CA THR A 334 -9.66 7.36 2.04
C THR A 334 -8.88 6.05 1.78
N LEU A 335 -9.06 5.06 2.64
CA LEU A 335 -8.62 3.66 2.39
C LEU A 335 -7.11 3.65 2.17
N GLY A 336 -6.61 3.15 1.04
CA GLY A 336 -5.16 3.12 0.75
C GLY A 336 -4.52 4.48 0.86
N ALA A 337 -5.26 5.55 0.61
CA ALA A 337 -4.73 6.94 0.61
C ALA A 337 -4.68 7.54 2.03
N ALA A 338 -5.25 6.89 3.03
CA ALA A 338 -5.50 7.49 4.36
C ALA A 338 -4.17 7.85 5.05
N GLY A 339 -3.18 6.96 5.00
CA GLY A 339 -1.90 7.16 5.71
C GLY A 339 -1.21 8.44 5.28
N ALA A 340 -1.08 8.64 3.97
CA ALA A 340 -0.38 9.81 3.41
C ALA A 340 -1.27 11.06 3.50
N CYS A 341 -2.58 10.92 3.28
CA CYS A 341 -3.54 12.04 3.43
C CYS A 341 -3.39 12.64 4.83
N GLU A 342 -3.42 11.81 5.86
CA GLU A 342 -3.41 12.28 7.27
C GLU A 342 -2.00 12.76 7.64
N ALA A 343 -0.94 12.17 7.09
CA ALA A 343 0.44 12.71 7.29
C ALA A 343 0.51 14.12 6.69
N GLY A 344 -0.09 14.29 5.50
CA GLY A 344 -0.17 15.59 4.83
C GLY A 344 -0.93 16.62 5.68
N LEU A 345 -2.07 16.23 6.27
CA LEU A 345 -2.83 17.18 7.14
C LEU A 345 -1.95 17.56 8.33
N CYS A 346 -1.21 16.60 8.90
CA CYS A 346 -0.31 16.85 10.05
C CYS A 346 0.81 17.82 9.64
N TRP A 347 1.34 17.66 8.42
CA TRP A 347 2.37 18.57 7.87
C TRP A 347 1.80 19.99 7.76
N LEU A 348 0.53 20.14 7.38
CA LEU A 348 -0.14 21.46 7.24
C LEU A 348 -0.33 22.09 8.64
N LEU A 349 -0.76 21.30 9.64
CA LEU A 349 -0.91 21.79 11.03
C LEU A 349 0.42 22.42 11.47
N LEU A 350 1.53 21.75 11.20
CA LEU A 350 2.87 22.20 11.66
C LEU A 350 3.32 23.43 10.85
N THR A 351 3.26 23.38 9.52
CA THR A 351 3.88 24.43 8.67
C THR A 351 3.02 25.70 8.68
N ARG A 352 1.70 25.60 8.89
CA ARG A 352 0.78 26.76 8.85
C ARG A 352 0.28 27.13 10.25
N HIS A 353 0.79 26.47 11.29
CA HIS A 353 0.48 26.77 12.71
C HIS A 353 -1.03 26.81 12.89
N LEU A 354 -1.72 25.77 12.44
CA LEU A 354 -3.20 25.68 12.47
C LEU A 354 -3.65 25.21 13.84
N PRO A 355 -4.85 25.62 14.30
CA PRO A 355 -5.46 24.99 15.47
C PRO A 355 -5.75 23.52 15.21
N LEU A 356 -5.73 22.71 16.29
CA LEU A 356 -5.95 21.26 16.21
C LEU A 356 -7.43 21.01 15.93
N PRO A 357 -7.76 20.09 15.00
CA PRO A 357 -9.15 19.78 14.69
C PRO A 357 -9.82 18.97 15.82
N ALA A 358 -11.01 19.41 16.22
CA ALA A 358 -11.84 18.75 17.25
C ALA A 358 -12.37 17.42 16.69
N GLN A 359 -12.71 16.49 17.56
CA GLN A 359 -13.60 15.36 17.21
C GLN A 359 -15.02 15.92 17.07
N ASP A 360 -15.79 15.41 16.12
CA ASP A 360 -17.18 15.89 15.90
C ASP A 360 -18.11 15.20 16.91
N PHE A 361 -18.51 15.90 17.96
CA PHE A 361 -19.47 15.40 18.97
C PHE A 361 -20.80 16.16 18.86
N THR A 362 -20.97 16.91 17.77
CA THR A 362 -22.17 17.76 17.54
C THR A 362 -23.39 16.92 17.16
N ARG A 363 -23.22 15.63 16.83
CA ARG A 363 -24.38 14.81 16.41
C ARG A 363 -24.80 13.82 17.50
N SER A 364 -24.20 12.63 17.61
CA SER A 364 -24.71 11.70 18.64
C SER A 364 -23.98 11.81 19.99
N GLY A 365 -22.84 12.46 20.00
CA GLY A 365 -22.05 12.65 21.24
C GLY A 365 -21.11 11.47 21.48
N ILE A 366 -20.16 11.64 22.40
CA ILE A 366 -19.08 10.65 22.69
C ILE A 366 -19.70 9.33 23.17
N ASP A 367 -19.07 8.21 22.82
CA ASP A 367 -19.42 6.86 23.34
C ASP A 367 -18.99 6.80 24.80
N ILE A 368 -19.96 6.69 25.71
CA ILE A 368 -19.72 6.78 27.18
C ILE A 368 -19.01 5.53 27.71
N ALA A 369 -18.88 4.46 26.91
CA ALA A 369 -18.22 3.20 27.31
C ALA A 369 -16.71 3.27 27.06
N LEU A 370 -16.24 4.24 26.27
CA LEU A 370 -14.80 4.34 25.90
C LEU A 370 -14.03 4.99 27.04
N PRO A 371 -12.79 4.53 27.33
CA PRO A 371 -11.93 5.22 28.30
C PRO A 371 -11.55 6.61 27.79
N ALA A 372 -11.35 7.55 28.72
CA ALA A 372 -10.78 8.89 28.46
C ALA A 372 -9.44 8.70 27.76
N CYS A 373 -9.22 9.37 26.63
CA CYS A 373 -7.95 9.25 25.86
C CYS A 373 -7.58 10.58 25.18
N GLY A 374 -8.14 11.70 25.66
CA GLY A 374 -7.74 13.06 25.24
C GLY A 374 -8.44 13.51 23.95
N LEU A 375 -9.55 12.87 23.57
CA LEU A 375 -10.32 13.30 22.38
C LEU A 375 -10.69 14.78 22.52
N LEU A 376 -10.37 15.58 21.51
CA LEU A 376 -10.65 17.04 21.51
C LEU A 376 -12.16 17.30 21.37
N THR A 377 -12.73 18.01 22.35
CA THR A 377 -14.15 18.43 22.31
C THR A 377 -14.23 19.80 21.65
N GLN A 378 -13.11 20.46 21.47
CA GLN A 378 -13.07 21.76 20.78
C GLN A 378 -11.68 21.96 20.21
N SER A 379 -11.56 22.85 19.24
CA SER A 379 -10.27 23.20 18.62
C SER A 379 -9.37 23.89 19.67
N GLN A 380 -8.06 23.66 19.59
CA GLN A 380 -7.13 24.33 20.52
C GLN A 380 -5.75 24.41 19.87
N PRO A 381 -4.85 25.30 20.32
CA PRO A 381 -3.54 25.40 19.72
C PRO A 381 -2.67 24.17 20.02
N LEU A 382 -1.76 23.88 19.10
CA LEU A 382 -0.73 22.84 19.29
C LEU A 382 0.32 23.39 20.25
N GLU A 383 0.57 22.69 21.36
CA GLU A 383 1.42 23.20 22.47
C GLU A 383 2.85 22.64 22.36
N LYS A 384 3.06 21.58 21.58
CA LYS A 384 4.38 20.95 21.35
C LYS A 384 4.56 20.72 19.85
N PRO A 385 5.74 21.01 19.26
CA PRO A 385 5.90 20.94 17.80
C PRO A 385 6.19 19.53 17.27
N ILE A 386 5.47 18.52 17.80
CA ILE A 386 5.60 17.10 17.36
C ILE A 386 4.19 16.52 17.25
N VAL A 387 3.89 15.87 16.13
CA VAL A 387 2.56 15.26 15.90
C VAL A 387 2.76 13.82 15.41
N MET A 388 1.76 12.98 15.71
CA MET A 388 1.73 11.55 15.34
C MET A 388 0.48 11.27 14.50
N SER A 389 0.62 10.43 13.47
CA SER A 389 -0.53 9.94 12.66
C SER A 389 -0.47 8.41 12.59
N ASN A 390 -1.57 7.75 13.00
CA ASN A 390 -1.64 6.27 13.03
C ASN A 390 -2.63 5.74 11.99
N SER A 391 -2.32 4.56 11.45
CA SER A 391 -3.16 3.82 10.48
C SER A 391 -3.20 2.33 10.85
N PHE A 392 -4.40 1.75 10.98
CA PHE A 392 -4.61 0.32 11.32
C PHE A 392 -5.50 -0.34 10.27
N ALA A 393 -4.94 -1.26 9.47
CA ALA A 393 -5.49 -1.73 8.18
C ALA A 393 -5.94 -3.20 8.20
N PHE A 394 -6.70 -3.61 7.17
CA PHE A 394 -7.01 -5.03 6.91
C PHE A 394 -5.70 -5.83 6.84
N GLY A 395 -5.78 -7.12 7.18
CA GLY A 395 -4.60 -7.99 7.33
C GLY A 395 -3.80 -7.59 8.56
N GLY A 396 -4.44 -6.87 9.50
CA GLY A 396 -3.83 -6.41 10.77
C GLY A 396 -2.57 -5.58 10.58
N ASN A 397 -2.50 -4.76 9.53
CA ASN A 397 -1.25 -4.06 9.14
C ASN A 397 -1.27 -2.63 9.72
N ASN A 398 -0.30 -2.31 10.59
CA ASN A 398 -0.30 -1.06 11.41
C ASN A 398 0.90 -0.19 11.07
N THR A 399 0.69 1.13 11.03
CA THR A 399 1.78 2.14 10.92
C THR A 399 1.53 3.28 11.91
N SER A 400 2.63 3.87 12.37
CA SER A 400 2.70 5.11 13.18
C SER A 400 3.77 6.01 12.58
N LEU A 401 3.43 7.27 12.29
CA LEU A 401 4.37 8.29 11.77
C LEU A 401 4.44 9.46 12.73
N ILE A 402 5.65 9.97 12.96
CA ILE A 402 5.88 11.18 13.81
C ILE A 402 6.59 12.24 12.98
N LEU A 403 5.98 13.42 12.90
CA LEU A 403 6.52 14.61 12.21
C LEU A 403 6.85 15.66 13.27
N GLY A 404 7.87 16.47 13.02
CA GLY A 404 8.31 17.50 13.97
C GLY A 404 8.95 18.69 13.27
N VAL A 405 8.87 19.86 13.91
CA VAL A 405 9.65 21.07 13.48
C VAL A 405 11.12 20.73 13.72
N ALA A 406 11.95 20.86 12.68
CA ALA A 406 13.39 20.54 12.69
C ALA A 406 14.11 21.54 13.61
N LYS B 2 21.46 -0.83 -7.22
CA LYS B 2 22.20 -2.08 -6.94
C LYS B 2 21.87 -2.63 -5.55
N LEU B 3 21.78 -3.95 -5.49
CA LEU B 3 21.54 -4.59 -4.18
C LEU B 3 22.38 -5.85 -4.03
N THR B 4 22.68 -6.17 -2.79
CA THR B 4 23.39 -7.42 -2.44
C THR B 4 22.63 -8.08 -1.30
N LEU B 5 22.51 -9.40 -1.36
CA LEU B 5 21.84 -10.17 -0.28
C LEU B 5 22.32 -11.63 -0.32
N ASP B 6 21.95 -12.35 0.73
CA ASP B 6 22.07 -13.82 0.78
C ASP B 6 20.66 -14.41 0.62
N ILE B 7 20.58 -15.53 -0.06
CA ILE B 7 19.34 -16.35 -0.11
C ILE B 7 19.68 -17.72 0.48
N THR B 8 19.03 -18.09 1.57
CA THR B 8 19.48 -19.25 2.38
C THR B 8 18.48 -20.42 2.27
N ASP B 9 17.30 -20.23 1.67
CA ASP B 9 16.31 -21.33 1.49
C ASP B 9 15.27 -20.84 0.48
N TRP B 10 14.49 -21.77 -0.02
CA TRP B 10 13.48 -21.50 -1.06
C TRP B 10 12.43 -22.62 -1.07
N GLN B 11 11.28 -22.31 -1.65
CA GLN B 11 10.16 -23.26 -1.85
C GLN B 11 9.31 -22.68 -2.98
N ALA B 12 8.99 -23.48 -3.98
CA ALA B 12 8.26 -22.94 -5.16
C ALA B 12 7.30 -23.97 -5.75
N ILE B 13 6.27 -23.46 -6.42
CA ILE B 13 5.29 -24.31 -7.12
C ILE B 13 4.83 -23.58 -8.39
N ALA B 14 4.83 -24.30 -9.50
CA ALA B 14 4.33 -23.82 -10.79
C ALA B 14 3.80 -25.02 -11.56
N PRO B 15 3.07 -24.82 -12.69
CA PRO B 15 2.55 -25.97 -13.43
C PRO B 15 3.68 -26.99 -13.73
N GLY B 16 3.53 -28.22 -13.23
CA GLY B 16 4.47 -29.33 -13.49
C GLY B 16 5.73 -29.30 -12.62
N LEU B 17 5.86 -28.34 -11.71
CA LEU B 17 7.11 -28.09 -10.93
C LEU B 17 6.78 -27.87 -9.45
N SER B 18 7.16 -28.81 -8.59
CA SER B 18 7.01 -28.61 -7.12
C SER B 18 8.16 -29.28 -6.37
N LEU B 19 8.54 -30.50 -6.77
CA LEU B 19 9.61 -31.26 -6.08
C LEU B 19 10.96 -30.63 -6.42
N THR B 20 11.90 -30.68 -5.48
CA THR B 20 13.26 -30.16 -5.71
C THR B 20 13.82 -30.73 -7.02
N GLU B 21 13.67 -32.04 -7.25
CA GLU B 21 14.26 -32.71 -8.44
C GLU B 21 13.63 -32.13 -9.72
N GLU B 22 12.36 -31.76 -9.70
CA GLU B 22 11.66 -31.17 -10.87
C GLU B 22 12.27 -29.79 -11.17
N TRP B 23 12.43 -28.96 -10.16
CA TRP B 23 13.04 -27.62 -10.28
C TRP B 23 14.48 -27.74 -10.79
N LYS B 24 15.26 -28.67 -10.24
CA LYS B 24 16.67 -28.81 -10.62
C LYS B 24 16.75 -29.25 -12.09
N ALA B 25 15.95 -30.22 -12.52
CA ALA B 25 15.94 -30.72 -13.91
C ALA B 25 15.55 -29.56 -14.83
N TRP B 26 14.55 -28.79 -14.43
CA TRP B 26 14.04 -27.64 -15.21
C TRP B 26 15.14 -26.58 -15.37
N SER B 27 15.91 -26.30 -14.32
CA SER B 27 17.02 -25.31 -14.36
C SER B 27 18.12 -25.76 -15.34
N ALA B 28 18.23 -27.07 -15.61
CA ALA B 28 19.21 -27.64 -16.56
C ALA B 28 18.73 -27.49 -18.01
N THR B 29 17.46 -27.14 -18.24
CA THR B 29 16.82 -27.09 -19.58
C THR B 29 16.79 -25.64 -20.10
N LEU B 30 17.13 -25.44 -21.38
CA LEU B 30 17.01 -24.15 -22.11
C LEU B 30 16.13 -24.34 -23.34
N PRO B 31 15.22 -23.40 -23.68
CA PRO B 31 15.00 -22.19 -22.87
C PRO B 31 14.20 -22.50 -21.60
N ALA B 32 14.20 -21.57 -20.64
CA ALA B 32 13.36 -21.63 -19.42
C ALA B 32 11.90 -21.45 -19.85
N ALA B 33 11.03 -22.43 -19.57
CA ALA B 33 9.64 -22.43 -20.07
C ALA B 33 8.70 -23.21 -19.14
N ILE B 34 7.44 -22.79 -19.12
CA ILE B 34 6.36 -23.43 -18.33
C ILE B 34 5.29 -23.90 -19.33
N ASP B 35 4.83 -25.14 -19.17
CA ASP B 35 3.63 -25.65 -19.87
C ASP B 35 2.42 -25.50 -18.95
N LYS B 36 1.53 -24.55 -19.27
CA LYS B 36 0.36 -24.20 -18.42
C LYS B 36 -0.64 -25.35 -18.37
N SER B 37 -0.50 -26.37 -19.23
CA SER B 37 -1.37 -27.58 -19.26
C SER B 37 -0.90 -28.62 -18.22
N ARG B 38 0.29 -28.43 -17.62
CA ARG B 38 0.80 -29.34 -16.58
C ARG B 38 0.06 -29.07 -15.28
N PRO B 39 -0.26 -30.10 -14.47
CA PRO B 39 -1.03 -29.91 -13.24
C PRO B 39 -0.19 -29.24 -12.13
N LEU B 40 -0.86 -28.56 -11.20
CA LEU B 40 -0.26 -28.03 -9.95
C LEU B 40 -0.39 -29.07 -8.84
N GLU B 41 0.66 -29.29 -8.06
CA GLU B 41 0.60 -30.16 -6.85
C GLU B 41 -0.41 -29.56 -5.86
N LYS B 42 -0.99 -30.40 -5.00
CA LYS B 42 -1.86 -29.98 -3.86
C LYS B 42 -1.03 -29.22 -2.82
N CYS B 43 -1.67 -28.31 -2.06
CA CYS B 43 -1.08 -27.64 -0.86
C CYS B 43 -0.73 -28.73 0.16
N THR B 44 0.42 -28.62 0.81
CA THR B 44 0.93 -29.64 1.77
C THR B 44 0.85 -29.13 3.22
N GLN B 45 0.68 -27.84 3.45
CA GLN B 45 0.71 -27.24 4.82
C GLN B 45 -0.69 -26.74 5.22
N LEU B 46 -1.64 -26.73 4.28
CA LEU B 46 -3.00 -26.21 4.53
C LEU B 46 -4.00 -27.36 4.43
N PRO B 47 -4.99 -27.40 5.32
CA PRO B 47 -6.16 -28.28 5.13
C PRO B 47 -6.81 -27.94 3.79
N MET B 48 -7.31 -28.95 3.08
CA MET B 48 -7.88 -28.74 1.73
C MET B 48 -9.00 -27.68 1.81
N MET B 49 -9.84 -27.69 2.83
CA MET B 49 -10.93 -26.69 2.90
C MET B 49 -10.33 -25.27 2.92
N THR B 50 -9.30 -25.06 3.72
CA THR B 50 -8.59 -23.75 3.81
C THR B 50 -8.00 -23.39 2.46
N ALA B 51 -7.24 -24.30 1.86
CA ALA B 51 -6.57 -24.08 0.56
C ALA B 51 -7.59 -23.68 -0.51
N ARG B 52 -8.74 -24.38 -0.56
CA ARG B 52 -9.73 -24.19 -1.65
C ARG B 52 -10.51 -22.88 -1.42
N ARG B 53 -10.49 -22.32 -0.21
CA ARG B 53 -11.12 -20.99 0.05
C ARG B 53 -10.18 -19.82 -0.23
N LEU B 54 -8.89 -20.07 -0.35
CA LEU B 54 -7.94 -19.06 -0.88
C LEU B 54 -8.00 -19.13 -2.41
N SER B 55 -7.60 -18.06 -3.09
CA SER B 55 -7.61 -18.02 -4.57
C SER B 55 -6.45 -18.87 -5.12
N SER B 56 -6.44 -19.10 -6.42
CA SER B 56 -5.52 -20.06 -7.10
C SER B 56 -4.06 -19.73 -6.81
N GLY B 57 -3.68 -18.45 -6.79
CA GLY B 57 -2.28 -18.05 -6.53
C GLY B 57 -2.03 -17.94 -5.04
N SER B 58 -2.96 -17.30 -4.33
CA SER B 58 -2.85 -17.09 -2.86
C SER B 58 -2.60 -18.41 -2.14
N ARG B 59 -3.31 -19.48 -2.47
CA ARG B 59 -3.15 -20.75 -1.74
C ARG B 59 -1.71 -21.25 -1.89
N LEU B 60 -1.12 -21.11 -3.08
CA LEU B 60 0.29 -21.55 -3.35
C LEU B 60 1.24 -20.67 -2.54
N ALA B 61 0.97 -19.36 -2.51
CA ALA B 61 1.86 -18.37 -1.86
C ALA B 61 1.83 -18.60 -0.34
N VAL B 62 0.67 -18.86 0.23
CA VAL B 62 0.55 -19.09 1.70
C VAL B 62 1.21 -20.43 2.02
N ASP B 63 1.00 -21.44 1.18
CA ASP B 63 1.57 -22.79 1.40
C ASP B 63 3.10 -22.74 1.37
N CYS B 64 3.69 -22.11 0.36
CA CYS B 64 5.16 -22.00 0.23
C CYS B 64 5.72 -21.20 1.42
N GLY B 65 5.05 -20.11 1.80
CA GLY B 65 5.46 -19.32 2.97
C GLY B 65 5.44 -20.15 4.24
N LEU B 66 4.36 -20.90 4.46
CA LEU B 66 4.22 -21.75 5.68
C LEU B 66 5.36 -22.77 5.70
N SER B 67 5.69 -23.37 4.56
CA SER B 67 6.77 -24.38 4.47
C SER B 67 8.08 -23.77 5.02
N LEU B 68 8.38 -22.53 4.63
CA LEU B 68 9.63 -21.87 5.10
C LEU B 68 9.51 -21.44 6.56
N LEU B 69 8.34 -20.99 7.01
CA LEU B 69 8.14 -20.61 8.44
C LEU B 69 8.30 -21.84 9.35
N ARG B 70 8.00 -23.04 8.85
CA ARG B 70 8.15 -24.27 9.66
C ARG B 70 9.63 -24.67 9.80
N ARG B 71 10.51 -24.17 8.92
CA ARG B 71 11.96 -24.54 8.87
C ARG B 71 12.82 -23.45 9.52
N HIS B 72 12.30 -22.24 9.71
CA HIS B 72 13.12 -21.05 10.09
C HIS B 72 12.35 -20.12 11.03
N GLN B 73 13.08 -19.48 11.94
CA GLN B 73 12.60 -18.27 12.67
C GLN B 73 12.81 -17.08 11.73
N VAL B 74 11.74 -16.44 11.26
CA VAL B 74 11.90 -15.22 10.41
C VAL B 74 11.43 -13.99 11.19
N ASP B 75 11.88 -12.82 10.75
CA ASP B 75 11.69 -11.52 11.46
C ASP B 75 10.68 -10.63 10.72
N ALA B 76 10.46 -10.85 9.42
CA ALA B 76 9.56 -9.99 8.61
C ALA B 76 9.15 -10.74 7.34
N ILE B 77 8.06 -10.30 6.72
CA ILE B 77 7.49 -11.01 5.54
C ILE B 77 7.11 -9.98 4.48
N VAL B 78 7.54 -10.22 3.24
CA VAL B 78 7.14 -9.39 2.08
C VAL B 78 6.55 -10.33 1.02
N TYR B 79 5.33 -10.04 0.58
CA TYR B 79 4.70 -10.72 -0.58
C TYR B 79 4.66 -9.73 -1.75
N THR B 80 4.85 -10.23 -2.95
CA THR B 80 4.81 -9.44 -4.20
C THR B 80 3.86 -10.12 -5.17
N SER B 81 3.10 -9.32 -5.91
CA SER B 81 2.24 -9.85 -6.99
C SER B 81 1.89 -8.72 -7.93
N ARG B 82 2.02 -8.98 -9.22
CA ARG B 82 1.63 -8.00 -10.25
C ARG B 82 0.10 -7.85 -10.28
N HIS B 83 -0.63 -8.94 -10.42
CA HIS B 83 -2.09 -8.92 -10.69
C HIS B 83 -2.89 -9.02 -9.38
N GLY B 84 -2.25 -9.39 -8.26
CA GLY B 84 -2.94 -9.52 -6.97
C GLY B 84 -4.14 -10.45 -7.07
N GLU B 85 -5.21 -10.13 -6.35
CA GLU B 85 -6.41 -10.99 -6.27
C GLU B 85 -7.33 -10.70 -7.47
N LEU B 86 -6.82 -10.85 -8.68
CA LEU B 86 -7.57 -10.47 -9.91
C LEU B 86 -8.82 -11.34 -10.06
N GLU B 87 -8.75 -12.64 -9.72
CA GLU B 87 -9.93 -13.52 -9.81
C GLU B 87 -11.05 -12.99 -8.91
N ARG B 88 -10.75 -12.61 -7.67
CA ARG B 88 -11.77 -12.10 -6.73
C ARG B 88 -12.29 -10.75 -7.22
N ASN B 89 -11.40 -9.87 -7.67
CA ASN B 89 -11.77 -8.54 -8.20
C ASN B 89 -12.77 -8.75 -9.35
N TYR B 90 -12.44 -9.64 -10.29
CA TYR B 90 -13.30 -9.92 -11.47
C TYR B 90 -14.67 -10.43 -11.00
N GLN B 91 -14.70 -11.37 -10.05
CA GLN B 91 -15.97 -11.92 -9.49
C GLN B 91 -16.82 -10.76 -8.92
N ILE B 92 -16.19 -9.84 -8.19
CA ILE B 92 -16.94 -8.74 -7.53
C ILE B 92 -17.42 -7.74 -8.59
N LEU B 93 -16.61 -7.46 -9.61
CA LEU B 93 -17.05 -6.54 -10.68
C LEU B 93 -18.22 -7.18 -11.43
N GLN B 94 -18.22 -8.51 -11.58
CA GLN B 94 -19.36 -9.24 -12.20
C GLN B 94 -20.57 -9.16 -11.26
N ASN B 95 -20.39 -9.29 -9.93
CA ASN B 95 -21.53 -9.13 -8.98
C ASN B 95 -22.16 -7.74 -9.21
N LEU B 96 -21.33 -6.70 -9.32
CA LEU B 96 -21.82 -5.31 -9.52
C LEU B 96 -22.55 -5.20 -10.87
N ALA B 97 -22.00 -5.77 -11.96
CA ALA B 97 -22.61 -5.71 -13.30
C ALA B 97 -23.98 -6.41 -13.27
N GLN B 98 -24.09 -7.53 -12.54
CA GLN B 98 -25.29 -8.39 -12.56
C GLN B 98 -26.24 -8.01 -11.42
N GLN B 99 -25.91 -6.98 -10.63
CA GLN B 99 -26.70 -6.51 -9.47
C GLN B 99 -26.94 -7.68 -8.50
N GLU B 100 -25.88 -8.44 -8.22
CA GLU B 100 -25.85 -9.57 -7.26
C GLU B 100 -25.15 -9.14 -5.97
N SER B 101 -25.51 -9.76 -4.85
CA SER B 101 -24.85 -9.52 -3.54
C SER B 101 -23.37 -9.90 -3.64
N ILE B 102 -22.51 -9.11 -3.01
CA ILE B 102 -21.06 -9.40 -2.86
C ILE B 102 -20.86 -10.25 -1.60
N SER B 103 -20.02 -11.28 -1.69
CA SER B 103 -19.63 -12.09 -0.51
C SER B 103 -18.70 -11.24 0.35
N PRO B 104 -19.02 -10.98 1.65
CA PRO B 104 -18.14 -10.18 2.48
C PRO B 104 -16.75 -10.81 2.62
N THR B 105 -16.65 -12.14 2.69
CA THR B 105 -15.33 -12.81 2.80
C THR B 105 -14.55 -12.60 1.49
N ASN B 106 -15.21 -12.74 0.34
CA ASN B 106 -14.57 -12.54 -0.98
C ASN B 106 -14.02 -11.11 -1.02
N PHE B 107 -14.80 -10.13 -0.57
CA PHE B 107 -14.34 -8.73 -0.55
C PHE B 107 -13.13 -8.57 0.40
N ALA B 108 -13.21 -9.02 1.63
CA ALA B 108 -12.12 -8.87 2.62
C ALA B 108 -10.84 -9.51 2.06
N MET B 109 -10.94 -10.65 1.36
CA MET B 109 -9.78 -11.40 0.85
C MET B 109 -9.30 -10.83 -0.49
N SER B 110 -9.97 -9.82 -1.03
CA SER B 110 -9.59 -9.20 -2.34
C SER B 110 -8.44 -8.21 -2.16
N VAL B 111 -8.15 -7.79 -0.93
CA VAL B 111 -7.01 -6.87 -0.68
C VAL B 111 -5.71 -7.59 -1.07
N HIS B 112 -4.77 -6.86 -1.65
CA HIS B 112 -3.51 -7.46 -2.16
C HIS B 112 -2.79 -8.20 -1.02
N ASN B 113 -2.81 -7.63 0.19
CA ASN B 113 -2.09 -8.20 1.35
C ASN B 113 -2.91 -9.32 2.01
N SER B 114 -3.98 -9.85 1.40
CA SER B 114 -4.71 -10.96 2.08
C SER B 114 -3.80 -12.20 2.20
N SER B 115 -2.93 -12.46 1.24
CA SER B 115 -2.00 -13.63 1.29
C SER B 115 -1.07 -13.49 2.50
N VAL B 116 -0.33 -12.39 2.59
CA VAL B 116 0.64 -12.23 3.72
C VAL B 116 -0.15 -12.11 5.04
N GLY B 117 -1.29 -11.43 5.04
CA GLY B 117 -2.12 -11.31 6.26
C GLY B 117 -2.58 -12.69 6.72
N ASN B 118 -3.12 -13.50 5.80
CA ASN B 118 -3.59 -14.86 6.13
C ASN B 118 -2.39 -15.70 6.64
N LEU B 119 -1.21 -15.53 6.06
CA LEU B 119 -0.01 -16.29 6.54
C LEU B 119 0.25 -15.92 8.01
N THR B 120 0.25 -14.63 8.35
CA THR B 120 0.57 -14.20 9.75
C THR B 120 -0.48 -14.80 10.71
N ILE B 121 -1.74 -14.87 10.28
CA ILE B 121 -2.84 -15.37 11.15
C ILE B 121 -2.66 -16.88 11.34
N VAL B 122 -2.47 -17.63 10.24
CA VAL B 122 -2.38 -19.11 10.27
C VAL B 122 -1.14 -19.53 11.05
N ALA B 123 -0.03 -18.81 10.90
CA ALA B 123 1.26 -19.13 11.58
C ALA B 123 1.35 -18.50 12.97
N LYS B 124 0.34 -17.74 13.41
CA LYS B 124 0.37 -17.02 14.71
C LYS B 124 1.67 -16.23 14.81
N ALA B 125 2.00 -15.48 13.77
CA ALA B 125 3.30 -14.81 13.58
C ALA B 125 3.12 -13.30 13.45
N PRO B 126 3.08 -12.55 14.58
CA PRO B 126 2.89 -11.10 14.55
C PRO B 126 4.17 -10.38 14.10
N LEU B 127 4.54 -10.61 12.84
CA LEU B 127 5.76 -10.07 12.23
C LEU B 127 5.40 -8.90 11.32
N VAL B 128 6.30 -7.94 11.21
CA VAL B 128 6.17 -6.84 10.21
C VAL B 128 5.91 -7.49 8.86
N SER B 129 4.88 -7.00 8.15
CA SER B 129 4.45 -7.55 6.86
C SER B 129 4.27 -6.41 5.86
N SER B 130 4.60 -6.71 4.61
CA SER B 130 4.40 -5.77 3.48
C SER B 130 3.93 -6.56 2.27
N SER B 131 3.30 -5.85 1.35
CA SER B 131 2.73 -6.45 0.13
C SER B 131 2.93 -5.42 -0.99
N VAL B 132 3.60 -5.84 -2.06
CA VAL B 132 4.11 -4.93 -3.13
C VAL B 132 3.53 -5.32 -4.49
N SER B 133 3.21 -4.32 -5.30
CA SER B 133 2.85 -4.49 -6.72
C SER B 133 3.64 -3.45 -7.51
N ALA B 134 4.24 -3.87 -8.62
CA ALA B 134 5.04 -2.97 -9.48
C ALA B 134 5.01 -3.45 -10.94
N GLY B 135 3.85 -3.88 -11.39
CA GLY B 135 3.69 -4.32 -12.78
C GLY B 135 4.58 -5.53 -13.07
N ILE B 136 5.17 -5.57 -14.25
CA ILE B 136 6.08 -6.66 -14.68
C ILE B 136 7.21 -6.83 -13.64
N ASP B 137 7.66 -5.73 -13.04
CA ASP B 137 8.85 -5.72 -12.14
C ASP B 137 8.45 -5.89 -10.67
N SER B 138 7.32 -6.50 -10.36
CA SER B 138 6.87 -6.70 -8.96
C SER B 138 7.93 -7.47 -8.15
N PHE B 139 8.48 -8.53 -8.70
CA PHE B 139 9.54 -9.35 -8.02
C PHE B 139 10.77 -8.48 -7.76
N GLN B 140 11.34 -7.89 -8.80
CA GLN B 140 12.65 -7.18 -8.66
C GLN B 140 12.47 -5.95 -7.77
N GLN B 141 11.44 -5.15 -7.99
CA GLN B 141 11.22 -3.93 -7.16
C GLN B 141 10.90 -4.36 -5.72
N GLY B 142 10.17 -5.46 -5.53
CA GLY B 142 9.82 -5.95 -4.18
C GLY B 142 11.05 -6.33 -3.37
N LEU B 143 12.13 -6.74 -4.02
CA LEU B 143 13.41 -7.02 -3.32
C LEU B 143 13.89 -5.73 -2.63
N PHE B 144 13.62 -4.55 -3.19
CA PHE B 144 14.01 -3.28 -2.51
C PHE B 144 13.21 -3.13 -1.22
N GLU B 145 11.92 -3.50 -1.22
CA GLU B 145 11.09 -3.45 0.01
C GLU B 145 11.68 -4.41 1.05
N ALA B 146 12.06 -5.63 0.66
CA ALA B 146 12.71 -6.60 1.57
C ALA B 146 14.01 -6.00 2.12
N LEU B 147 14.82 -5.35 1.29
CA LEU B 147 16.11 -4.75 1.73
C LEU B 147 15.86 -3.62 2.72
N THR B 148 14.78 -2.85 2.59
CA THR B 148 14.46 -1.79 3.58
C THR B 148 14.23 -2.45 4.95
N LEU B 149 13.63 -3.63 4.98
CA LEU B 149 13.31 -4.31 6.26
C LEU B 149 14.58 -4.89 6.87
N ILE B 150 15.48 -5.43 6.05
CA ILE B 150 16.81 -5.90 6.53
C ILE B 150 17.55 -4.68 7.09
N HIS B 151 17.55 -3.57 6.36
CA HIS B 151 18.21 -2.31 6.79
C HIS B 151 17.66 -1.90 8.17
N ALA B 152 16.35 -2.06 8.39
CA ALA B 152 15.66 -1.62 9.62
C ALA B 152 15.86 -2.62 10.76
N GLY B 153 16.64 -3.69 10.56
CA GLY B 153 17.04 -4.64 11.62
C GLY B 153 16.35 -5.99 11.57
N HIS B 154 15.60 -6.32 10.53
CA HIS B 154 14.97 -7.66 10.37
C HIS B 154 15.97 -8.59 9.69
N ARG B 155 16.54 -9.54 10.43
CA ARG B 155 17.70 -10.39 10.02
C ARG B 155 17.25 -11.32 8.89
N LYS B 156 16.10 -11.97 9.07
CA LYS B 156 15.61 -13.00 8.13
C LYS B 156 14.25 -12.55 7.60
N VAL B 157 14.17 -12.33 6.29
CA VAL B 157 12.91 -11.85 5.66
C VAL B 157 12.40 -12.94 4.73
N LEU B 158 11.19 -13.44 5.00
CA LEU B 158 10.47 -14.32 4.06
C LEU B 158 9.92 -13.47 2.91
N PHE B 159 10.25 -13.83 1.69
CA PHE B 159 9.89 -13.09 0.46
C PHE B 159 9.13 -14.04 -0.47
N VAL B 160 7.89 -13.71 -0.84
CA VAL B 160 7.09 -14.61 -1.68
C VAL B 160 6.49 -13.82 -2.85
N ASP B 161 6.82 -14.21 -4.08
CA ASP B 161 6.21 -13.67 -5.31
C ASP B 161 5.16 -14.68 -5.77
N PHE B 162 4.02 -14.20 -6.25
CA PHE B 162 2.97 -15.14 -6.71
C PHE B 162 2.04 -14.44 -7.71
N GLU B 163 1.37 -15.27 -8.51
CA GLU B 163 0.17 -14.86 -9.27
C GLU B 163 -0.87 -15.97 -9.18
N GLY B 164 -2.13 -15.57 -9.26
CA GLY B 164 -3.24 -16.49 -9.56
C GLY B 164 -3.45 -16.59 -11.05
N GLU B 165 -4.31 -17.51 -11.45
CA GLU B 165 -4.77 -17.65 -12.84
C GLU B 165 -5.36 -16.30 -13.27
N ILE B 166 -5.06 -15.88 -14.50
CA ILE B 166 -5.73 -14.68 -15.09
C ILE B 166 -7.05 -15.16 -15.71
N PRO B 167 -8.21 -14.64 -15.27
CA PRO B 167 -9.49 -15.02 -15.88
C PRO B 167 -9.46 -14.81 -17.39
N GLY B 168 -10.09 -15.74 -18.12
CA GLY B 168 -10.21 -15.70 -19.59
C GLY B 168 -10.76 -14.37 -20.09
N PHE B 169 -11.63 -13.74 -19.31
CA PHE B 169 -12.21 -12.40 -19.63
C PHE B 169 -11.09 -11.42 -20.04
N TYR B 170 -9.93 -11.46 -19.39
CA TYR B 170 -8.84 -10.47 -19.58
C TYR B 170 -7.88 -10.85 -20.71
N HIS B 171 -8.00 -12.02 -21.33
CA HIS B 171 -7.00 -12.52 -22.30
C HIS B 171 -6.91 -11.60 -23.52
N ASN B 172 -7.98 -10.87 -23.87
CA ASN B 172 -7.96 -9.92 -25.01
C ASN B 172 -7.37 -8.55 -24.64
N VAL B 173 -7.10 -8.24 -23.36
CA VAL B 173 -6.55 -6.91 -22.96
C VAL B 173 -5.16 -7.04 -22.35
N ILE B 174 -4.60 -8.25 -22.33
CA ILE B 174 -3.18 -8.46 -21.91
C ILE B 174 -2.36 -8.84 -23.14
N ASP B 175 -1.06 -8.60 -23.07
CA ASP B 175 -0.07 -8.99 -24.13
C ASP B 175 -0.18 -10.49 -24.37
N ALA B 176 -0.01 -10.93 -25.62
CA ALA B 176 -0.04 -12.34 -26.03
C ALA B 176 1.00 -13.15 -25.24
N LYS B 177 2.08 -12.51 -24.80
CA LYS B 177 3.21 -13.17 -24.09
C LYS B 177 2.90 -13.34 -22.60
N THR B 178 1.95 -12.60 -22.04
CA THR B 178 1.73 -12.54 -20.59
C THR B 178 1.40 -13.94 -20.06
N PRO B 179 2.16 -14.44 -19.05
CA PRO B 179 1.79 -15.68 -18.37
C PRO B 179 0.42 -15.56 -17.71
N THR B 180 -0.38 -16.63 -17.75
CA THR B 180 -1.77 -16.59 -17.23
C THR B 180 -2.02 -17.68 -16.18
N TYR B 181 -0.99 -18.45 -15.81
CA TYR B 181 -1.12 -19.61 -14.88
C TYR B 181 -0.75 -19.17 -13.46
N PRO B 182 -1.23 -19.90 -12.43
CA PRO B 182 -0.85 -19.64 -11.06
C PRO B 182 0.54 -20.20 -10.74
N PHE B 183 1.26 -19.54 -9.85
CA PHE B 183 2.56 -20.02 -9.35
C PHE B 183 2.93 -19.23 -8.09
N ALA B 184 3.89 -19.76 -7.32
CA ALA B 184 4.51 -19.00 -6.23
C ALA B 184 5.98 -19.39 -6.08
N VAL B 185 6.79 -18.39 -5.77
CA VAL B 185 8.23 -18.56 -5.46
C VAL B 185 8.51 -17.91 -4.10
N ALA B 186 8.89 -18.71 -3.11
CA ALA B 186 9.27 -18.23 -1.76
C ALA B 186 10.78 -18.33 -1.58
N LEU B 187 11.37 -17.25 -1.07
CA LEU B 187 12.82 -17.15 -0.79
C LEU B 187 13.02 -16.70 0.66
N LEU B 188 14.06 -17.23 1.31
CA LEU B 188 14.48 -16.69 2.62
C LEU B 188 15.68 -15.77 2.41
N LEU B 189 15.48 -14.48 2.65
CA LEU B 189 16.50 -13.44 2.41
C LEU B 189 17.20 -13.07 3.70
N GLU B 190 18.51 -12.85 3.62
CA GLU B 190 19.34 -12.39 4.77
C GLU B 190 20.32 -11.33 4.27
N GLN B 191 20.79 -10.48 5.19
CA GLN B 191 21.91 -9.55 4.93
C GLN B 191 23.14 -10.37 4.49
N GLY B 192 23.80 -9.93 3.42
CA GLY B 192 25.00 -10.60 2.90
C GLY B 192 25.31 -10.13 1.50
N ALA B 193 26.29 -10.76 0.87
CA ALA B 193 26.80 -10.38 -0.47
C ALA B 193 27.01 -11.62 -1.33
N GLY B 194 26.30 -12.72 -1.04
CA GLY B 194 26.31 -13.93 -1.87
C GLY B 194 25.85 -13.63 -3.29
N LEU B 195 24.87 -12.73 -3.42
CA LEU B 195 24.31 -12.32 -4.72
C LEU B 195 24.34 -10.79 -4.79
N SER B 196 24.62 -10.27 -5.97
CA SER B 196 24.47 -8.84 -6.29
C SER B 196 23.57 -8.72 -7.53
N CYS B 197 22.84 -7.62 -7.60
CA CYS B 197 21.95 -7.32 -8.72
C CYS B 197 22.07 -5.84 -9.07
N THR B 198 22.26 -5.55 -10.36
CA THR B 198 22.27 -4.18 -10.93
C THR B 198 21.23 -4.07 -12.05
N LYS B 199 20.50 -2.98 -12.08
CA LYS B 199 19.44 -2.72 -13.10
C LYS B 199 20.06 -2.03 -14.32
N GLN B 200 19.59 -2.38 -15.53
CA GLN B 200 19.97 -1.74 -16.82
C GLN B 200 18.71 -1.50 -17.65
N SER B 201 18.75 -0.50 -18.55
CA SER B 201 17.77 -0.29 -19.66
C SER B 201 17.67 -1.57 -20.50
N SER B 202 16.49 -1.87 -21.05
CA SER B 202 16.28 -2.98 -22.02
C SER B 202 15.30 -2.54 -23.11
N MET B 203 15.34 -3.24 -24.24
CA MET B 203 14.38 -3.09 -25.37
C MET B 203 13.24 -4.10 -25.23
N GLU B 204 13.30 -4.99 -24.23
CA GLU B 204 12.29 -6.05 -24.01
C GLU B 204 11.17 -5.52 -23.10
N THR B 205 9.94 -6.00 -23.28
CA THR B 205 8.87 -5.88 -22.25
C THR B 205 7.94 -7.10 -22.31
N GLU B 206 6.98 -7.16 -21.38
CA GLU B 206 6.03 -8.27 -21.20
C GLU B 206 6.77 -9.58 -21.45
N PRO B 207 7.65 -9.98 -20.52
CA PRO B 207 8.30 -11.29 -20.61
C PRO B 207 7.27 -12.42 -20.60
N SER B 208 7.59 -13.52 -21.29
CA SER B 208 6.72 -14.72 -21.39
C SER B 208 6.83 -15.54 -20.11
N LEU B 209 7.91 -15.37 -19.35
CA LEU B 209 8.15 -16.09 -18.07
C LEU B 209 8.17 -15.06 -16.94
N PRO B 210 7.43 -15.28 -15.84
CA PRO B 210 7.45 -14.35 -14.71
C PRO B 210 8.87 -14.14 -14.16
N GLN B 211 9.16 -12.93 -13.69
CA GLN B 211 10.49 -12.55 -13.16
C GLN B 211 10.96 -13.56 -12.10
N SER B 212 10.11 -13.94 -11.15
CA SER B 212 10.56 -14.81 -10.03
C SER B 212 10.97 -16.18 -10.59
N LEU B 213 10.35 -16.63 -11.69
CA LEU B 213 10.71 -17.91 -12.34
C LEU B 213 11.96 -17.75 -13.21
N GLN B 214 12.11 -16.61 -13.89
CA GLN B 214 13.41 -16.27 -14.56
C GLN B 214 14.52 -16.33 -13.53
N PHE B 215 14.29 -15.73 -12.37
CA PHE B 215 15.28 -15.69 -11.27
C PHE B 215 15.61 -17.12 -10.80
N LEU B 216 14.59 -17.89 -10.44
CA LEU B 216 14.78 -19.25 -9.91
C LEU B 216 15.55 -20.10 -10.92
N HIS B 217 15.23 -19.98 -12.21
CA HIS B 217 15.93 -20.75 -13.27
C HIS B 217 17.43 -20.43 -13.23
N GLY B 218 17.76 -19.14 -13.31
CA GLY B 218 19.16 -18.68 -13.34
C GLY B 218 19.88 -19.01 -12.05
N TRP B 219 19.22 -18.84 -10.91
CA TRP B 219 19.84 -19.08 -9.58
C TRP B 219 20.10 -20.58 -9.39
N LEU B 220 19.13 -21.45 -9.69
CA LEU B 220 19.31 -22.91 -9.53
C LEU B 220 20.33 -23.44 -10.54
N ARG B 221 20.39 -22.86 -11.74
CA ARG B 221 21.27 -23.34 -12.84
C ARG B 221 22.74 -23.16 -12.43
N GLY B 222 23.04 -22.13 -11.62
CA GLY B 222 24.32 -21.98 -10.92
C GLY B 222 25.38 -21.25 -11.73
N GLU B 223 25.04 -20.57 -12.84
CA GLU B 223 26.06 -19.81 -13.61
C GLU B 223 26.39 -18.53 -12.86
N GLN B 224 27.56 -17.96 -13.13
CA GLN B 224 28.13 -16.80 -12.38
C GLN B 224 27.27 -15.55 -12.61
N HIS B 225 26.68 -15.44 -13.80
CA HIS B 225 25.87 -14.27 -14.24
C HIS B 225 24.56 -14.77 -14.86
N PHE B 226 23.45 -14.11 -14.55
CA PHE B 226 22.15 -14.39 -15.18
C PHE B 226 21.33 -13.11 -15.16
N VAL B 227 20.35 -13.05 -16.06
CA VAL B 227 19.53 -11.82 -16.30
C VAL B 227 18.06 -12.14 -16.07
N VAL B 228 17.39 -11.20 -15.41
CA VAL B 228 15.92 -11.16 -15.25
C VAL B 228 15.41 -9.96 -16.04
N SER B 229 14.52 -10.19 -17.01
CA SER B 229 13.97 -9.13 -17.90
C SER B 229 12.70 -8.56 -17.28
N GLY B 230 12.52 -7.25 -17.44
CA GLY B 230 11.34 -6.56 -16.93
C GLY B 230 10.73 -5.68 -17.99
N ASP B 231 10.12 -4.60 -17.54
CA ASP B 231 9.42 -3.60 -18.39
C ASP B 231 10.46 -2.61 -18.91
N HIS B 232 10.97 -2.85 -20.12
CA HIS B 232 12.06 -2.06 -20.76
C HIS B 232 13.21 -1.88 -19.78
N CYS B 233 13.48 -2.91 -18.98
CA CYS B 233 14.68 -2.95 -18.11
C CYS B 233 15.08 -4.40 -17.92
N GLN B 234 16.30 -4.58 -17.44
CA GLN B 234 16.79 -5.92 -17.08
C GLN B 234 17.64 -5.78 -15.82
N TRP B 235 17.77 -6.91 -15.14
CA TRP B 235 18.36 -7.00 -13.79
C TRP B 235 19.48 -8.03 -13.88
N ASN B 236 20.72 -7.55 -13.76
CA ASN B 236 21.97 -8.32 -13.95
C ASN B 236 22.40 -8.91 -12.61
N TRP B 237 22.19 -10.21 -12.43
CA TRP B 237 22.53 -10.95 -11.20
C TRP B 237 23.94 -11.54 -11.34
N SER B 238 24.72 -11.49 -10.27
CA SER B 238 26.05 -12.15 -10.24
C SER B 238 26.28 -12.86 -8.91
N ARG B 239 26.92 -14.03 -8.98
CA ARG B 239 27.39 -14.85 -7.84
C ARG B 239 28.89 -14.64 -7.64
C1 GOL C . -28.26 -6.06 -26.29
O1 GOL C . -28.56 -5.65 -27.63
C2 GOL C . -26.82 -6.49 -26.18
O2 GOL C . -25.96 -5.50 -26.75
C3 GOL C . -26.39 -6.79 -24.76
O3 GOL C . -26.78 -5.75 -23.85
P PO4 D . 21.39 -23.39 -5.16
O1 PO4 D . 20.40 -22.56 -4.34
O2 PO4 D . 22.06 -22.49 -6.21
O3 PO4 D . 20.66 -24.53 -5.84
O4 PO4 D . 22.45 -23.96 -4.22
C1 GOL E . 8.08 -17.96 12.50
O1 GOL E . 9.25 -17.98 11.69
C2 GOL E . 8.24 -17.11 13.74
O2 GOL E . 9.37 -16.24 13.60
C3 GOL E . 7.02 -16.28 14.06
O3 GOL E . 7.07 -15.75 15.39
C1 GOL F . 5.81 -11.19 -13.73
O1 GOL F . 6.99 -10.67 -14.33
C2 GOL F . 4.50 -10.84 -14.44
O2 GOL F . 4.70 -10.22 -15.71
C3 GOL F . 3.57 -12.03 -14.64
O3 GOL F . 2.42 -11.68 -15.40
C1 GOL G . 23.90 -17.82 -3.73
O1 GOL G . 23.73 -19.08 -4.37
C2 GOL G . 23.30 -17.83 -2.34
O2 GOL G . 21.88 -17.89 -2.43
C3 GOL G . 23.68 -16.63 -1.53
O3 GOL G . 23.02 -16.62 -0.27
#